data_3VSH
#
_entry.id   3VSH
#
_cell.length_a   265.390
_cell.length_b   47.470
_cell.length_c   107.380
_cell.angle_alpha   90.00
_cell.angle_beta   109.47
_cell.angle_gamma   90.00
#
_symmetry.space_group_name_H-M   'C 1 2 1'
#
loop_
_entity.id
_entity.type
_entity.pdbx_description
1 polymer '2-amino-5-chlorophenol 1,6-dioxygenase alpha subunit'
2 polymer '2-amino-5-chlorophenol 1,6-dioxygenase beta subunit'
3 non-polymer 'FE (II) ION'
4 water water
#
loop_
_entity_poly.entity_id
_entity_poly.type
_entity_poly.pdbx_seq_one_letter_code
_entity_poly.pdbx_strand_id
1 'polypeptide(L)'
;MTVVSAFLVPGTPLPQLKPEVPSWGQLAAATERAGKALAASRPDVVLVYSTQWLAVLDQQWLTRPRSEGVHVDENWYEFG
DLAYDIRADTALAEACVTSSPLHGVHARGVNYDGFPIDTGTITACTLMGIGTDAFPLVVGSNNLYHSGEITEKLAALAVD
CAKDQNKRVAVVGVGGLSGSLFREEIDPREDRIANEEDDKWNRRVLKLIEAGDVSALREAMPVYAKEARVDMGFKHLHWI
LGALKGKFSGANVLGYGPSYGSGAAVIEFRL
;
A,C
2 'polypeptide(L)'
;MQGEIIAGFLAPHPPHLVYGENPPQNEPRSQGGWEVLRWAYERARERLDAMKPDVLLVHSPHWITSVGHHFLGVPELSGK
SVDPIFPNVFRYDFSLNVDVELAEACAEEGRKAGLVTKMMRNPKFRVDYGTITTLHLIRPQWDIPVVGISANNSPYYLNT
KEGMSEMDVLGKATREAIRKTGRKAVLLASNTLSHWHFHEEPTIPEDMSKEYPATMAGYQWDIRMIELMRQGKTSEVFKL
LPQFIDEAFAEVKSGAFTWMHAAMQYPELAAELFGYGTVIGTGNAVMEWDLRKAGLSMLGAADQKQRSAAVA
;
B,D
#
# COMPACT_ATOMS: atom_id res chain seq x y z
N THR A 2 45.26 -13.17 -16.28
CA THR A 2 44.27 -14.27 -16.06
C THR A 2 43.26 -14.40 -17.20
N VAL A 3 42.85 -13.28 -17.81
CA VAL A 3 42.04 -13.34 -19.02
C VAL A 3 42.93 -13.85 -20.15
N VAL A 4 42.65 -15.07 -20.60
CA VAL A 4 43.52 -15.75 -21.56
C VAL A 4 42.95 -15.74 -22.98
N SER A 5 41.65 -15.45 -23.10
CA SER A 5 40.99 -15.38 -24.40
C SER A 5 39.63 -14.71 -24.29
N ALA A 6 39.18 -14.09 -25.38
CA ALA A 6 37.89 -13.45 -25.41
C ALA A 6 37.16 -13.72 -26.72
N PHE A 7 35.85 -13.91 -26.63
CA PHE A 7 35.03 -14.24 -27.78
C PHE A 7 33.66 -13.60 -27.74
N LEU A 8 33.15 -13.25 -28.91
CA LEU A 8 31.76 -12.90 -29.06
C LEU A 8 31.11 -13.97 -29.90
N VAL A 9 30.01 -14.54 -29.42
CA VAL A 9 29.26 -15.54 -30.20
C VAL A 9 27.78 -15.15 -30.34
N PRO A 10 27.06 -15.78 -31.29
CA PRO A 10 25.67 -15.36 -31.37
C PRO A 10 24.79 -15.96 -30.26
N GLY A 11 23.67 -15.30 -29.99
CA GLY A 11 22.68 -15.83 -29.06
C GLY A 11 21.61 -16.67 -29.76
N THR A 12 21.41 -16.44 -31.05
CA THR A 12 20.45 -17.18 -31.85
C THR A 12 20.72 -18.70 -31.82
N PRO A 13 19.66 -19.51 -31.68
CA PRO A 13 19.83 -20.96 -31.72
C PRO A 13 19.82 -21.51 -33.15
N LEU A 14 19.46 -20.67 -34.11
CA LEU A 14 19.31 -21.08 -35.50
C LEU A 14 20.53 -21.85 -36.06
N PRO A 15 21.77 -21.34 -35.84
CA PRO A 15 22.94 -22.08 -36.34
C PRO A 15 23.09 -23.49 -35.74
N GLN A 16 22.83 -23.65 -34.45
CA GLN A 16 22.89 -24.96 -33.82
C GLN A 16 21.78 -25.89 -34.31
N LEU A 17 20.54 -25.40 -34.19
CA LEU A 17 19.35 -26.17 -34.51
C LEU A 17 19.28 -26.70 -35.94
N LYS A 18 19.39 -25.80 -36.91
CA LYS A 18 19.27 -26.16 -38.32
C LYS A 18 20.50 -25.74 -39.15
N PRO A 19 21.66 -26.41 -38.92
CA PRO A 19 22.88 -26.00 -39.63
C PRO A 19 22.92 -26.45 -41.10
N GLU A 20 21.91 -27.21 -41.52
CA GLU A 20 21.80 -27.65 -42.92
C GLU A 20 21.54 -26.45 -43.82
N VAL A 21 21.05 -25.36 -43.22
CA VAL A 21 20.97 -24.08 -43.90
C VAL A 21 22.39 -23.56 -43.98
N PRO A 22 22.95 -23.52 -45.21
CA PRO A 22 24.37 -23.21 -45.41
C PRO A 22 24.85 -22.02 -44.58
N SER A 23 24.06 -20.95 -44.56
CA SER A 23 24.41 -19.72 -43.87
C SER A 23 24.50 -19.94 -42.36
N TRP A 24 23.51 -20.66 -41.84
CA TRP A 24 23.42 -20.96 -40.43
C TRP A 24 24.48 -22.00 -40.07
N GLY A 25 24.76 -22.86 -41.04
CA GLY A 25 25.77 -23.90 -40.91
C GLY A 25 27.17 -23.35 -40.75
N GLN A 26 27.49 -22.32 -41.53
CA GLN A 26 28.78 -21.62 -41.44
C GLN A 26 28.97 -20.99 -40.07
N LEU A 27 27.93 -20.34 -39.56
CA LEU A 27 27.94 -19.71 -38.25
C LEU A 27 28.23 -20.75 -37.17
N ALA A 28 27.60 -21.91 -37.31
CA ALA A 28 27.78 -23.02 -36.37
C ALA A 28 29.23 -23.48 -36.31
N ALA A 29 29.85 -23.66 -37.48
CA ALA A 29 31.25 -24.02 -37.59
C ALA A 29 32.16 -22.95 -36.97
N ALA A 30 31.86 -21.69 -37.25
CA ALA A 30 32.62 -20.59 -36.68
C ALA A 30 32.59 -20.59 -35.15
N THR A 31 31.41 -20.88 -34.60
CA THR A 31 31.22 -20.98 -33.15
C THR A 31 31.94 -22.21 -32.59
N GLU A 32 31.94 -23.29 -33.36
CA GLU A 32 32.64 -24.51 -32.96
C GLU A 32 34.14 -24.29 -32.94
N ARG A 33 34.64 -23.56 -33.94
CA ARG A 33 36.04 -23.21 -34.04
C ARG A 33 36.46 -22.27 -32.90
N ALA A 34 35.61 -21.29 -32.58
CA ALA A 34 35.86 -20.39 -31.46
C ALA A 34 36.01 -21.18 -30.16
N GLY A 35 35.20 -22.23 -30.02
CA GLY A 35 35.26 -23.13 -28.86
C GLY A 35 36.56 -23.90 -28.80
N LYS A 36 37.09 -24.27 -29.96
CA LYS A 36 38.42 -24.87 -30.08
C LYS A 36 39.50 -23.89 -29.64
N ALA A 37 39.33 -22.61 -29.98
CA ALA A 37 40.28 -21.56 -29.58
C ALA A 37 40.20 -21.25 -28.08
N LEU A 38 39.00 -21.25 -27.53
CA LEU A 38 38.79 -21.09 -26.09
C LEU A 38 39.46 -22.24 -25.32
N ALA A 39 39.28 -23.47 -25.80
CA ALA A 39 39.84 -24.65 -25.12
C ALA A 39 41.38 -24.63 -25.12
N ALA A 40 41.95 -24.25 -26.25
CA ALA A 40 43.40 -24.16 -26.39
C ALA A 40 44.00 -23.11 -25.47
N SER A 41 43.20 -22.11 -25.10
CA SER A 41 43.63 -21.09 -24.16
C SER A 41 43.68 -21.61 -22.72
N ARG A 42 43.23 -22.85 -22.52
CA ARG A 42 43.26 -23.54 -21.22
C ARG A 42 42.77 -22.68 -20.03
N PRO A 43 41.51 -22.21 -20.08
CA PRO A 43 41.00 -21.42 -18.96
C PRO A 43 40.47 -22.31 -17.83
N ASP A 44 40.29 -21.73 -16.66
CA ASP A 44 39.74 -22.44 -15.51
C ASP A 44 38.25 -22.17 -15.43
N VAL A 45 37.82 -21.06 -16.05
CA VAL A 45 36.43 -20.61 -16.05
C VAL A 45 36.07 -19.89 -17.34
N VAL A 46 34.77 -19.81 -17.61
CA VAL A 46 34.28 -19.00 -18.72
C VAL A 46 33.31 -17.94 -18.22
N LEU A 47 33.74 -16.68 -18.29
CA LEU A 47 32.92 -15.53 -17.90
C LEU A 47 31.93 -15.19 -19.01
N VAL A 48 30.65 -15.48 -18.76
CA VAL A 48 29.64 -15.42 -19.80
C VAL A 48 28.57 -14.38 -19.53
N TYR A 49 28.28 -13.56 -20.55
CA TYR A 49 27.14 -12.67 -20.55
C TYR A 49 26.34 -12.98 -21.81
N SER A 50 25.05 -13.20 -21.63
CA SER A 50 24.15 -13.39 -22.76
C SER A 50 23.09 -12.31 -22.77
N THR A 51 22.87 -11.73 -23.94
CA THR A 51 21.88 -10.67 -24.12
C THR A 51 20.46 -11.11 -23.81
N GLN A 52 20.24 -12.42 -23.75
CA GLN A 52 18.89 -12.98 -23.60
C GLN A 52 18.61 -13.45 -22.18
N TRP A 53 19.59 -13.29 -21.30
CA TRP A 53 19.47 -13.62 -19.90
C TRP A 53 19.02 -12.33 -19.21
N LEU A 54 17.73 -12.20 -18.95
CA LEU A 54 17.19 -10.92 -18.49
C LEU A 54 16.96 -10.77 -17.00
N ALA A 55 17.55 -9.72 -16.45
CA ALA A 55 17.29 -9.28 -15.09
C ALA A 55 16.67 -7.87 -15.16
N VAL A 56 15.78 -7.58 -14.21
CA VAL A 56 15.17 -6.25 -14.15
C VAL A 56 15.33 -5.58 -12.79
N LEU A 57 15.54 -6.39 -11.75
CA LEU A 57 15.77 -5.84 -10.43
C LEU A 57 17.28 -5.74 -10.17
N ASP A 58 17.82 -6.66 -9.40
CA ASP A 58 19.26 -6.68 -9.20
C ASP A 58 19.97 -7.59 -10.20
N GLN A 59 21.27 -7.39 -10.33
CA GLN A 59 22.13 -8.23 -11.16
C GLN A 59 22.07 -9.68 -10.70
N GLN A 60 21.98 -10.60 -11.66
CA GLN A 60 21.93 -12.02 -11.34
C GLN A 60 23.20 -12.73 -11.79
N TRP A 61 23.73 -13.57 -10.90
CA TRP A 61 24.80 -14.48 -11.26
C TRP A 61 24.31 -15.90 -11.05
N LEU A 62 24.56 -16.75 -12.03
CA LEU A 62 24.19 -18.15 -11.96
C LEU A 62 25.08 -18.82 -10.92
N THR A 63 24.47 -19.36 -9.88
CA THR A 63 25.23 -19.98 -8.80
C THR A 63 24.91 -21.48 -8.60
N ARG A 64 24.09 -22.03 -9.48
CA ARG A 64 23.74 -23.45 -9.41
C ARG A 64 24.89 -24.28 -9.96
N PRO A 65 25.43 -25.21 -9.14
CA PRO A 65 26.57 -26.06 -9.54
C PRO A 65 26.38 -26.69 -10.91
N ARG A 66 25.21 -27.29 -11.15
CA ARG A 66 24.91 -27.98 -12.38
C ARG A 66 23.45 -27.83 -12.77
N SER A 67 23.19 -27.14 -13.89
CA SER A 67 21.84 -26.96 -14.41
C SER A 67 21.66 -27.75 -15.70
N GLU A 68 20.69 -28.65 -15.69
CA GLU A 68 20.40 -29.47 -16.86
C GLU A 68 18.91 -29.53 -17.17
N GLY A 69 18.60 -29.85 -18.42
CA GLY A 69 17.22 -29.89 -18.86
C GLY A 69 17.18 -29.76 -20.36
N VAL A 70 16.00 -29.42 -20.87
CA VAL A 70 15.81 -29.22 -22.30
C VAL A 70 15.07 -27.90 -22.54
N HIS A 71 15.76 -26.95 -23.13
CA HIS A 71 15.16 -25.65 -23.42
C HIS A 71 14.59 -25.64 -24.82
N VAL A 72 13.40 -25.06 -24.94
CA VAL A 72 12.74 -24.86 -26.23
C VAL A 72 12.58 -23.35 -26.40
N ASP A 73 13.21 -22.80 -27.42
CA ASP A 73 13.15 -21.36 -27.67
C ASP A 73 11.72 -20.98 -28.00
N GLU A 74 11.25 -19.88 -27.43
CA GLU A 74 9.86 -19.46 -27.62
C GLU A 74 9.55 -18.85 -28.99
N ASN A 75 10.62 -18.54 -29.73
CA ASN A 75 10.52 -18.08 -31.11
C ASN A 75 10.87 -19.16 -32.13
N TRP A 76 11.85 -19.99 -31.78
CA TRP A 76 12.42 -20.92 -32.75
C TRP A 76 12.22 -22.40 -32.37
N TYR A 77 11.11 -22.66 -31.69
CA TYR A 77 10.74 -24.00 -31.23
C TYR A 77 10.58 -25.05 -32.34
N GLU A 78 10.19 -24.61 -33.54
CA GLU A 78 9.96 -25.55 -34.66
C GLU A 78 11.29 -26.10 -35.20
N PHE A 79 12.39 -25.44 -34.86
CA PHE A 79 13.69 -25.84 -35.40
C PHE A 79 14.40 -26.87 -34.54
N GLY A 80 13.84 -27.14 -33.36
CA GLY A 80 14.33 -28.21 -32.51
C GLY A 80 14.44 -27.90 -31.03
N ASP A 81 15.05 -28.82 -30.29
CA ASP A 81 15.23 -28.72 -28.86
C ASP A 81 16.66 -28.39 -28.51
N LEU A 82 16.84 -27.71 -27.38
CA LEU A 82 18.16 -27.32 -26.91
C LEU A 82 18.45 -27.91 -25.54
N ALA A 83 18.84 -29.19 -25.54
CA ALA A 83 19.28 -29.88 -24.33
C ALA A 83 20.52 -29.20 -23.78
N TYR A 84 20.68 -29.21 -22.46
CA TYR A 84 21.84 -28.58 -21.85
C TYR A 84 22.19 -29.20 -20.53
N ASP A 85 23.46 -29.08 -20.19
CA ASP A 85 24.03 -29.61 -18.97
C ASP A 85 25.17 -28.65 -18.64
N ILE A 86 24.82 -27.56 -17.97
CA ILE A 86 25.74 -26.46 -17.74
C ILE A 86 26.28 -26.49 -16.32
N ARG A 87 27.62 -26.59 -16.22
CA ARG A 87 28.30 -26.50 -14.93
C ARG A 87 28.70 -25.06 -14.65
N ALA A 88 28.43 -24.62 -13.44
CA ALA A 88 28.84 -23.31 -13.00
C ALA A 88 30.00 -23.45 -12.02
N ASP A 89 30.90 -22.46 -12.03
CA ASP A 89 31.89 -22.33 -10.98
C ASP A 89 31.26 -21.56 -9.81
N THR A 90 30.70 -22.31 -8.86
CA THR A 90 29.96 -21.76 -7.74
C THR A 90 30.77 -20.76 -6.90
N ALA A 91 32.03 -21.10 -6.61
CA ALA A 91 32.91 -20.22 -5.83
C ALA A 91 33.09 -18.83 -6.46
N LEU A 92 33.37 -18.80 -7.77
CA LEU A 92 33.65 -17.54 -8.46
C LEU A 92 32.39 -16.71 -8.63
N ALA A 93 31.32 -17.36 -9.07
CA ALA A 93 30.03 -16.71 -9.27
C ALA A 93 29.59 -16.06 -7.97
N GLU A 94 29.70 -16.82 -6.88
CA GLU A 94 29.35 -16.35 -5.56
C GLU A 94 30.17 -15.11 -5.18
N ALA A 95 31.48 -15.16 -5.47
CA ALA A 95 32.38 -14.03 -5.23
C ALA A 95 31.99 -12.80 -6.05
N CYS A 96 31.49 -13.02 -7.26
CA CYS A 96 30.95 -11.95 -8.10
C CYS A 96 29.67 -11.38 -7.51
N VAL A 97 28.87 -12.24 -6.88
CA VAL A 97 27.65 -11.78 -6.18
C VAL A 97 28.02 -10.79 -5.08
N THR A 98 29.02 -11.15 -4.28
CA THR A 98 29.41 -10.38 -3.12
C THR A 98 30.08 -9.06 -3.51
N SER A 99 30.93 -9.11 -4.54
CA SER A 99 31.68 -7.93 -4.98
C SER A 99 30.80 -6.89 -5.68
N SER A 100 29.73 -7.34 -6.33
CA SER A 100 28.84 -6.45 -7.09
C SER A 100 28.37 -5.21 -6.31
N PRO A 101 27.78 -5.39 -5.11
CA PRO A 101 27.37 -4.18 -4.38
C PRO A 101 28.56 -3.30 -4.00
N LEU A 102 29.71 -3.94 -3.76
CA LEU A 102 30.96 -3.20 -3.51
C LEU A 102 31.34 -2.33 -4.72
N HIS A 103 30.59 -2.49 -5.81
CA HIS A 103 30.76 -1.64 -6.99
C HIS A 103 29.45 -0.96 -7.41
N GLY A 104 28.54 -0.81 -6.44
CA GLY A 104 27.32 -0.05 -6.63
C GLY A 104 26.26 -0.73 -7.48
N VAL A 105 26.34 -2.05 -7.58
CA VAL A 105 25.35 -2.84 -8.30
C VAL A 105 24.82 -3.96 -7.41
N HIS A 106 23.57 -3.83 -6.96
CA HIS A 106 22.95 -4.86 -6.14
C HIS A 106 22.81 -6.13 -6.94
N ALA A 107 23.16 -7.26 -6.32
CA ALA A 107 23.19 -8.54 -7.03
C ALA A 107 22.73 -9.71 -6.17
N ARG A 108 22.39 -10.80 -6.84
CA ARG A 108 22.00 -12.03 -6.16
C ARG A 108 22.49 -13.21 -6.99
N GLY A 109 22.59 -14.37 -6.36
CA GLY A 109 22.82 -15.63 -7.06
C GLY A 109 21.50 -16.32 -7.35
N VAL A 110 21.43 -17.04 -8.46
CA VAL A 110 20.22 -17.80 -8.79
C VAL A 110 20.48 -19.29 -8.88
N ASN A 111 20.12 -20.00 -7.81
CA ASN A 111 20.39 -21.42 -7.68
C ASN A 111 19.09 -22.17 -7.48
N TYR A 112 18.43 -22.48 -8.61
CA TYR A 112 17.13 -23.12 -8.62
C TYR A 112 17.06 -24.17 -9.69
N ASP A 113 16.57 -25.35 -9.31
CA ASP A 113 16.30 -26.39 -10.25
C ASP A 113 15.16 -25.94 -11.18
N GLY A 114 15.40 -25.98 -12.48
CA GLY A 114 14.41 -25.56 -13.46
C GLY A 114 14.47 -24.08 -13.82
N PHE A 115 15.49 -23.37 -13.35
CA PHE A 115 15.65 -21.96 -13.70
C PHE A 115 15.82 -21.81 -15.22
N PRO A 116 15.13 -20.83 -15.83
CA PRO A 116 15.13 -20.76 -17.29
C PRO A 116 16.41 -20.14 -17.86
N ILE A 117 17.49 -20.93 -17.93
CA ILE A 117 18.72 -20.50 -18.59
C ILE A 117 18.39 -20.19 -20.05
N ASP A 118 18.87 -19.04 -20.51
CA ASP A 118 18.49 -18.52 -21.82
C ASP A 118 19.06 -19.34 -22.99
N THR A 119 18.49 -19.13 -24.16
CA THR A 119 18.93 -19.74 -25.40
C THR A 119 20.39 -19.42 -25.75
N GLY A 120 20.78 -18.18 -25.52
CA GLY A 120 22.15 -17.75 -25.82
C GLY A 120 23.17 -18.57 -25.06
N THR A 121 23.04 -18.59 -23.73
CA THR A 121 23.93 -19.39 -22.89
C THR A 121 23.94 -20.84 -23.38
N ILE A 122 22.75 -21.40 -23.58
CA ILE A 122 22.64 -22.82 -23.93
C ILE A 122 23.32 -23.15 -25.26
N THR A 123 23.01 -22.36 -26.28
CA THR A 123 23.58 -22.58 -27.62
C THR A 123 25.09 -22.33 -27.65
N ALA A 124 25.58 -21.37 -26.86
CA ALA A 124 27.01 -21.10 -26.75
C ALA A 124 27.76 -22.28 -26.13
N CYS A 125 27.18 -22.82 -25.05
CA CYS A 125 27.69 -24.03 -24.39
C CYS A 125 27.74 -25.24 -25.32
N THR A 126 26.67 -25.46 -26.07
CA THR A 126 26.58 -26.59 -26.98
C THR A 126 27.62 -26.48 -28.09
N LEU A 127 27.61 -25.34 -28.77
CA LEU A 127 28.48 -25.12 -29.91
C LEU A 127 29.97 -24.97 -29.54
N MET A 128 30.27 -24.31 -28.42
CA MET A 128 31.65 -24.07 -28.01
C MET A 128 32.26 -25.19 -27.17
N GLY A 129 31.39 -25.99 -26.54
CA GLY A 129 31.83 -27.00 -25.59
C GLY A 129 32.21 -26.37 -24.26
N ILE A 130 31.36 -25.48 -23.75
CA ILE A 130 31.60 -24.85 -22.46
C ILE A 130 30.41 -25.07 -21.53
N GLY A 131 30.58 -24.71 -20.25
CA GLY A 131 29.61 -25.10 -19.23
C GLY A 131 29.77 -26.57 -18.92
N THR A 132 30.98 -27.07 -19.16
CA THR A 132 31.39 -28.41 -18.75
C THR A 132 32.10 -28.24 -17.41
N ASP A 133 32.43 -29.35 -16.76
CA ASP A 133 33.18 -29.25 -15.50
C ASP A 133 34.61 -28.75 -15.73
N ALA A 134 35.17 -29.09 -16.88
CA ALA A 134 36.46 -28.57 -17.31
C ALA A 134 36.40 -27.08 -17.64
N PHE A 135 35.28 -26.64 -18.23
CA PHE A 135 35.06 -25.22 -18.54
C PHE A 135 33.79 -24.70 -17.88
N PRO A 136 33.79 -24.59 -16.53
CA PRO A 136 32.58 -24.12 -15.86
C PRO A 136 32.27 -22.66 -16.19
N LEU A 137 31.07 -22.21 -15.83
CA LEU A 137 30.61 -20.87 -16.18
C LEU A 137 30.40 -19.96 -14.99
N VAL A 138 30.63 -18.68 -15.22
CA VAL A 138 30.15 -17.62 -14.36
C VAL A 138 29.34 -16.71 -15.25
N VAL A 139 28.02 -16.86 -15.18
CA VAL A 139 27.09 -16.13 -16.01
C VAL A 139 26.63 -14.89 -15.27
N GLY A 140 26.70 -13.74 -15.92
CA GLY A 140 26.19 -12.49 -15.37
C GLY A 140 25.01 -12.01 -16.19
N SER A 141 23.88 -11.77 -15.52
CA SER A 141 22.64 -11.36 -16.18
C SER A 141 22.78 -10.08 -17.00
N ASN A 142 21.97 -9.98 -18.05
CA ASN A 142 21.78 -8.72 -18.72
C ASN A 142 20.65 -7.97 -18.02
N ASN A 143 21.01 -7.16 -17.04
CA ASN A 143 20.03 -6.31 -16.36
C ASN A 143 19.60 -5.18 -17.28
N LEU A 144 18.32 -5.19 -17.65
CA LEU A 144 17.81 -4.23 -18.64
C LEU A 144 18.05 -2.77 -18.26
N TYR A 145 18.25 -2.52 -16.96
CA TYR A 145 18.54 -1.17 -16.48
C TYR A 145 20.03 -0.84 -16.44
N HIS A 146 20.88 -1.79 -16.84
CA HIS A 146 22.32 -1.55 -16.89
C HIS A 146 22.75 -1.03 -18.25
N SER A 147 23.61 -0.03 -18.23
CA SER A 147 24.16 0.57 -19.44
C SER A 147 25.40 -0.20 -19.90
N GLY A 148 26.02 0.28 -20.98
CA GLY A 148 27.32 -0.21 -21.39
C GLY A 148 28.31 0.00 -20.25
N GLU A 149 28.30 1.21 -19.72
CA GLU A 149 29.11 1.61 -18.56
C GLU A 149 29.11 0.54 -17.47
N ILE A 150 27.91 0.24 -16.96
CA ILE A 150 27.75 -0.67 -15.83
C ILE A 150 28.10 -2.11 -16.22
N THR A 151 27.83 -2.48 -17.47
CA THR A 151 28.12 -3.81 -17.97
C THR A 151 29.62 -4.11 -17.94
N GLU A 152 30.43 -3.08 -18.19
CA GLU A 152 31.89 -3.19 -18.17
C GLU A 152 32.42 -3.30 -16.75
N LYS A 153 31.92 -2.40 -15.89
CA LYS A 153 32.17 -2.41 -14.46
C LYS A 153 31.84 -3.78 -13.89
N LEU A 154 30.86 -4.44 -14.51
CA LEU A 154 30.36 -5.74 -14.05
C LEU A 154 31.29 -6.86 -14.50
N ALA A 155 31.84 -6.73 -15.72
CA ALA A 155 32.81 -7.68 -16.23
C ALA A 155 34.16 -7.53 -15.53
N ALA A 156 34.57 -6.29 -15.30
CA ALA A 156 35.85 -5.98 -14.68
C ALA A 156 35.96 -6.55 -13.27
N LEU A 157 34.87 -6.47 -12.51
CA LEU A 157 34.87 -7.01 -11.15
C LEU A 157 34.86 -8.55 -11.16
N ALA A 158 34.26 -9.14 -12.18
CA ALA A 158 34.25 -10.59 -12.32
C ALA A 158 35.65 -11.11 -12.66
N VAL A 159 36.34 -10.41 -13.54
CA VAL A 159 37.73 -10.71 -13.87
C VAL A 159 38.62 -10.56 -12.64
N ASP A 160 38.37 -9.50 -11.87
CA ASP A 160 39.12 -9.25 -10.64
C ASP A 160 38.84 -10.32 -9.60
N CYS A 161 37.58 -10.72 -9.48
CA CYS A 161 37.19 -11.82 -8.59
C CYS A 161 37.89 -13.12 -9.02
N ALA A 162 37.96 -13.33 -10.32
CA ALA A 162 38.64 -14.52 -10.86
C ALA A 162 40.13 -14.44 -10.56
N LYS A 163 40.74 -13.30 -10.88
CA LYS A 163 42.14 -13.02 -10.58
C LYS A 163 42.41 -13.31 -9.11
N ASP A 164 41.45 -12.93 -8.28
CA ASP A 164 41.50 -13.11 -6.84
C ASP A 164 41.57 -14.58 -6.46
N GLN A 165 40.84 -15.42 -7.20
CA GLN A 165 40.84 -16.87 -6.98
C GLN A 165 41.86 -17.59 -7.86
N ASN A 166 42.83 -16.82 -8.37
CA ASN A 166 43.86 -17.29 -9.32
C ASN A 166 43.34 -18.22 -10.43
N LYS A 167 42.37 -17.73 -11.19
CA LYS A 167 41.74 -18.52 -12.23
C LYS A 167 41.95 -17.89 -13.60
N ARG A 168 42.38 -18.69 -14.55
CA ARG A 168 42.49 -18.25 -15.94
C ARG A 168 41.08 -18.14 -16.52
N VAL A 169 40.75 -16.96 -17.02
CA VAL A 169 39.40 -16.67 -17.51
C VAL A 169 39.36 -16.62 -19.01
N ALA A 170 38.33 -17.23 -19.58
CA ALA A 170 37.91 -16.96 -20.94
C ALA A 170 36.61 -16.19 -20.86
N VAL A 171 36.58 -15.02 -21.48
CA VAL A 171 35.35 -14.21 -21.47
C VAL A 171 34.57 -14.43 -22.75
N VAL A 172 33.29 -14.75 -22.62
CA VAL A 172 32.40 -14.91 -23.77
C VAL A 172 31.21 -13.96 -23.71
N GLY A 173 31.11 -13.10 -24.72
CA GLY A 173 29.97 -12.22 -24.88
C GLY A 173 29.01 -12.82 -25.88
N VAL A 174 27.81 -13.15 -25.41
CA VAL A 174 26.83 -13.88 -26.21
C VAL A 174 25.70 -12.97 -26.65
N GLY A 175 25.55 -12.81 -27.96
CA GLY A 175 24.49 -11.96 -28.52
C GLY A 175 24.63 -11.71 -30.00
N GLY A 176 23.57 -11.18 -30.61
CA GLY A 176 23.56 -10.86 -32.03
C GLY A 176 24.22 -9.53 -32.37
N LEU A 177 24.15 -9.17 -33.65
CA LEU A 177 24.54 -7.84 -34.12
C LEU A 177 23.25 -7.09 -34.44
N SER A 178 23.16 -6.49 -35.63
CA SER A 178 21.93 -5.86 -36.08
C SER A 178 20.73 -6.79 -35.83
N GLY A 179 19.62 -6.24 -35.34
CA GLY A 179 18.49 -7.06 -34.92
C GLY A 179 17.20 -6.85 -35.67
N SER A 180 17.30 -6.64 -36.98
CA SER A 180 16.11 -6.44 -37.81
C SER A 180 15.49 -7.76 -38.24
N LEU A 181 15.04 -8.56 -37.27
CA LEU A 181 14.43 -9.87 -37.56
C LEU A 181 13.25 -9.72 -38.52
N PHE A 182 13.14 -10.65 -39.47
CA PHE A 182 11.99 -10.67 -40.38
C PHE A 182 10.70 -10.87 -39.60
N ARG A 183 9.63 -10.27 -40.07
CA ARG A 183 8.37 -10.26 -39.32
C ARG A 183 7.31 -11.13 -39.98
N GLU A 184 7.76 -11.98 -40.89
CA GLU A 184 6.95 -13.04 -41.49
C GLU A 184 7.84 -14.27 -41.72
N GLU A 185 7.23 -15.45 -41.81
CA GLU A 185 7.98 -16.67 -42.11
C GLU A 185 8.70 -16.56 -43.44
N ILE A 186 10.00 -16.84 -43.41
CA ILE A 186 10.82 -16.92 -44.60
C ILE A 186 11.15 -18.39 -44.88
N ASP A 187 11.63 -18.66 -46.09
CA ASP A 187 12.34 -19.89 -46.37
C ASP A 187 13.72 -19.75 -45.74
N PRO A 188 14.07 -20.60 -44.76
CA PRO A 188 15.35 -20.48 -44.06
C PRO A 188 16.55 -20.41 -45.02
N ARG A 189 16.43 -21.11 -46.14
CA ARG A 189 17.47 -21.14 -47.17
C ARG A 189 17.65 -19.78 -47.86
N GLU A 190 16.67 -18.90 -47.69
CA GLU A 190 16.69 -17.58 -48.30
C GLU A 190 17.07 -16.49 -47.30
N ASP A 191 17.51 -16.91 -46.12
CA ASP A 191 17.89 -15.99 -45.06
C ASP A 191 19.06 -15.13 -45.51
N ARG A 192 19.05 -13.88 -45.06
CA ARG A 192 20.07 -12.90 -45.41
C ARG A 192 19.91 -11.78 -44.40
N ILE A 193 20.90 -10.89 -44.33
CA ILE A 193 20.79 -9.69 -43.52
C ILE A 193 19.62 -8.88 -44.06
N ALA A 194 18.75 -8.41 -43.17
CA ALA A 194 17.48 -7.79 -43.55
C ALA A 194 17.61 -6.69 -44.60
N ASN A 195 18.53 -5.76 -44.39
CA ASN A 195 18.73 -4.64 -45.31
C ASN A 195 20.22 -4.27 -45.40
N GLU A 196 20.60 -3.59 -46.48
CA GLU A 196 22.03 -3.33 -46.71
C GLU A 196 22.66 -2.43 -45.65
N GLU A 197 21.84 -1.61 -45.01
CA GLU A 197 22.35 -0.66 -44.01
C GLU A 197 22.77 -1.38 -42.73
N ASP A 198 22.02 -2.41 -42.35
CA ASP A 198 22.41 -3.27 -41.23
C ASP A 198 23.72 -3.99 -41.53
N ASP A 199 23.87 -4.43 -42.77
CA ASP A 199 25.08 -5.10 -43.24
C ASP A 199 26.30 -4.16 -43.22
N LYS A 200 26.12 -2.94 -43.72
CA LYS A 200 27.19 -1.93 -43.73
C LYS A 200 27.68 -1.62 -42.32
N TRP A 201 26.73 -1.44 -41.40
CA TRP A 201 27.06 -1.22 -39.99
C TRP A 201 27.74 -2.43 -39.37
N ASN A 202 27.14 -3.61 -39.56
CA ASN A 202 27.72 -4.86 -39.09
C ASN A 202 29.15 -5.02 -39.57
N ARG A 203 29.37 -4.79 -40.87
CA ARG A 203 30.71 -4.92 -41.45
C ARG A 203 31.67 -3.84 -40.95
N ARG A 204 31.19 -2.61 -40.87
CA ARG A 204 31.99 -1.49 -40.41
C ARG A 204 32.52 -1.70 -39.00
N VAL A 205 31.64 -2.09 -38.07
CA VAL A 205 32.02 -2.23 -36.67
C VAL A 205 32.89 -3.46 -36.47
N LEU A 206 32.69 -4.46 -37.32
CA LEU A 206 33.44 -5.70 -37.24
C LEU A 206 34.87 -5.40 -37.67
N LYS A 207 35.00 -4.59 -38.72
CA LYS A 207 36.30 -4.12 -39.23
C LYS A 207 37.01 -3.31 -38.16
N LEU A 208 36.24 -2.53 -37.41
CA LEU A 208 36.75 -1.76 -36.28
C LEU A 208 37.19 -2.68 -35.16
N ILE A 209 36.49 -3.80 -35.00
CA ILE A 209 36.84 -4.80 -33.98
C ILE A 209 38.13 -5.56 -34.37
N GLU A 210 38.24 -5.93 -35.64
CA GLU A 210 39.45 -6.59 -36.15
C GLU A 210 40.69 -5.75 -35.89
N ALA A 211 40.56 -4.43 -36.09
CA ALA A 211 41.68 -3.49 -35.98
C ALA A 211 42.10 -3.20 -34.54
N GLY A 212 41.27 -3.56 -33.58
CA GLY A 212 41.57 -3.32 -32.16
C GLY A 212 41.45 -1.85 -31.81
N ASP A 213 40.69 -1.13 -32.63
CA ASP A 213 40.50 0.31 -32.50
C ASP A 213 39.44 0.57 -31.43
N VAL A 214 39.81 0.33 -30.18
CA VAL A 214 38.88 0.42 -29.06
C VAL A 214 38.14 1.75 -29.04
N SER A 215 38.87 2.82 -29.35
CA SER A 215 38.36 4.19 -29.26
C SER A 215 37.29 4.50 -30.32
N ALA A 216 37.61 4.26 -31.59
CA ALA A 216 36.68 4.53 -32.68
C ALA A 216 35.42 3.69 -32.53
N LEU A 217 35.59 2.47 -32.02
CA LEU A 217 34.50 1.55 -31.72
C LEU A 217 33.61 2.09 -30.61
N ARG A 218 34.25 2.56 -29.53
CA ARG A 218 33.57 3.07 -28.33
C ARG A 218 32.55 4.17 -28.63
N GLU A 219 32.80 4.96 -29.66
CA GLU A 219 31.87 6.02 -30.06
C GLU A 219 30.96 5.59 -31.21
N ALA A 220 31.39 4.58 -31.96
CA ALA A 220 30.57 4.00 -33.02
C ALA A 220 29.40 3.19 -32.45
N MET A 221 29.64 2.54 -31.32
CA MET A 221 28.68 1.63 -30.68
C MET A 221 27.27 2.20 -30.42
N PRO A 222 27.17 3.35 -29.73
CA PRO A 222 25.81 3.82 -29.43
C PRO A 222 24.99 4.14 -30.68
N VAL A 223 25.65 4.64 -31.73
CA VAL A 223 24.97 4.98 -32.98
C VAL A 223 24.64 3.70 -33.75
N TYR A 224 25.56 2.75 -33.71
CA TYR A 224 25.36 1.41 -34.28
C TYR A 224 24.15 0.72 -33.64
N ALA A 225 24.11 0.71 -32.31
CA ALA A 225 23.01 0.10 -31.57
C ALA A 225 21.64 0.66 -31.99
N LYS A 226 21.52 1.97 -32.00
CA LYS A 226 20.27 2.65 -32.37
C LYS A 226 19.89 2.38 -33.82
N GLU A 227 20.85 2.59 -34.73
CA GLU A 227 20.59 2.55 -36.17
C GLU A 227 20.46 1.15 -36.74
N ALA A 228 21.20 0.20 -36.18
CA ALA A 228 21.15 -1.18 -36.67
C ALA A 228 20.26 -2.08 -35.81
N ARG A 229 19.65 -1.50 -34.78
CA ARG A 229 18.83 -2.24 -33.80
C ARG A 229 19.63 -3.36 -33.16
N VAL A 230 20.86 -3.08 -32.78
CA VAL A 230 21.76 -4.11 -32.27
C VAL A 230 21.20 -4.77 -31.02
N ASP A 231 21.31 -6.09 -30.98
CA ASP A 231 20.93 -6.91 -29.84
C ASP A 231 21.34 -6.27 -28.51
N MET A 232 20.34 -5.84 -27.75
CA MET A 232 20.51 -5.33 -26.39
C MET A 232 21.61 -4.29 -26.27
N GLY A 233 21.59 -3.33 -27.19
CA GLY A 233 22.55 -2.22 -27.23
C GLY A 233 24.00 -2.64 -27.30
N PHE A 234 24.27 -3.80 -27.88
CA PHE A 234 25.62 -4.34 -28.04
C PHE A 234 26.33 -4.55 -26.70
N LYS A 235 25.56 -4.77 -25.64
CA LYS A 235 26.12 -4.82 -24.29
C LYS A 235 26.96 -6.08 -24.07
N HIS A 236 26.75 -7.09 -24.90
CA HIS A 236 27.60 -8.26 -24.87
C HIS A 236 29.03 -7.87 -25.27
N LEU A 237 29.16 -6.81 -26.07
CA LEU A 237 30.48 -6.31 -26.43
C LEU A 237 31.14 -5.56 -25.28
N HIS A 238 30.40 -4.63 -24.67
CA HIS A 238 30.86 -3.92 -23.47
C HIS A 238 31.39 -4.91 -22.43
N TRP A 239 30.69 -6.04 -22.28
CA TRP A 239 31.10 -7.10 -21.39
C TRP A 239 32.52 -7.58 -21.71
N ILE A 240 32.79 -7.85 -22.99
CA ILE A 240 34.14 -8.17 -23.46
C ILE A 240 35.10 -7.02 -23.10
N LEU A 241 34.69 -5.79 -23.42
CA LEU A 241 35.53 -4.62 -23.25
C LEU A 241 35.89 -4.39 -21.79
N GLY A 242 34.90 -4.44 -20.91
CA GLY A 242 35.12 -4.28 -19.49
C GLY A 242 36.00 -5.36 -18.89
N ALA A 243 35.84 -6.59 -19.39
CA ALA A 243 36.64 -7.73 -18.90
C ALA A 243 38.11 -7.57 -19.27
N LEU A 244 38.36 -7.20 -20.54
CA LEU A 244 39.71 -6.92 -21.03
C LEU A 244 40.24 -5.59 -20.50
N LYS A 245 39.37 -4.87 -19.79
CA LYS A 245 39.72 -3.58 -19.20
C LYS A 245 40.02 -2.56 -20.31
N GLY A 246 39.09 -2.49 -21.26
CA GLY A 246 39.06 -1.45 -22.29
C GLY A 246 40.21 -1.51 -23.26
N LYS A 247 40.90 -2.64 -23.30
CA LYS A 247 42.13 -2.76 -24.08
C LYS A 247 42.25 -4.11 -24.77
N PHE A 248 42.40 -4.09 -26.09
CA PHE A 248 42.71 -5.29 -26.86
C PHE A 248 43.44 -4.99 -28.16
N SER A 249 44.28 -5.93 -28.59
CA SER A 249 45.16 -5.77 -29.74
C SER A 249 44.41 -5.74 -31.07
N GLY A 250 43.45 -6.64 -31.21
CA GLY A 250 42.68 -6.78 -32.43
C GLY A 250 41.76 -7.99 -32.33
N ALA A 251 41.28 -8.47 -33.48
CA ALA A 251 40.34 -9.58 -33.50
C ALA A 251 40.27 -10.31 -34.84
N ASN A 252 39.84 -11.56 -34.80
CA ASN A 252 39.68 -12.36 -36.00
C ASN A 252 38.25 -12.87 -36.13
N VAL A 253 37.45 -12.20 -36.95
CA VAL A 253 36.06 -12.60 -37.18
C VAL A 253 36.01 -13.92 -37.95
N LEU A 254 35.76 -14.99 -37.21
CA LEU A 254 35.71 -16.36 -37.73
C LEU A 254 34.41 -16.66 -38.50
N GLY A 255 33.38 -15.83 -38.28
CA GLY A 255 32.12 -15.99 -38.98
C GLY A 255 31.25 -14.74 -38.95
N TYR A 256 30.44 -14.59 -39.98
CA TYR A 256 29.46 -13.51 -40.06
C TYR A 256 28.35 -13.90 -41.02
N GLY A 257 27.11 -13.82 -40.54
CA GLY A 257 25.95 -14.19 -41.35
C GLY A 257 24.62 -13.89 -40.68
N PRO A 258 23.52 -14.23 -41.36
CA PRO A 258 22.18 -13.87 -40.93
C PRO A 258 21.55 -14.88 -39.98
N SER A 259 20.56 -14.40 -39.24
CA SER A 259 19.74 -15.24 -38.40
C SER A 259 18.36 -14.62 -38.41
N TYR A 260 17.57 -15.04 -39.39
CA TYR A 260 16.25 -14.46 -39.67
C TYR A 260 16.28 -12.95 -39.91
N GLY A 261 17.27 -12.48 -40.65
CA GLY A 261 17.38 -11.06 -40.96
C GLY A 261 18.27 -10.30 -40.01
N SER A 262 18.39 -10.82 -38.78
CA SER A 262 19.32 -10.24 -37.83
C SER A 262 20.73 -10.62 -38.24
N GLY A 263 21.69 -9.85 -37.76
CA GLY A 263 23.08 -10.18 -38.00
C GLY A 263 23.59 -11.05 -36.88
N ALA A 264 24.56 -11.90 -37.19
CA ALA A 264 25.24 -12.67 -36.17
C ALA A 264 26.69 -12.84 -36.59
N ALA A 265 27.59 -12.79 -35.61
CA ALA A 265 29.02 -12.94 -35.87
C ALA A 265 29.71 -13.76 -34.80
N VAL A 266 30.81 -14.40 -35.19
CA VAL A 266 31.68 -15.08 -34.23
C VAL A 266 33.02 -14.37 -34.26
N ILE A 267 33.41 -13.75 -33.15
CA ILE A 267 34.65 -13.00 -33.09
C ILE A 267 35.63 -13.61 -32.10
N GLU A 268 36.89 -13.74 -32.53
CA GLU A 268 37.96 -14.12 -31.61
C GLU A 268 38.83 -12.90 -31.34
N PHE A 269 38.89 -12.49 -30.08
CA PHE A 269 39.65 -11.30 -29.69
C PHE A 269 41.11 -11.65 -29.45
N ARG A 270 41.98 -10.83 -30.01
CA ARG A 270 43.40 -10.93 -29.72
C ARG A 270 43.69 -9.91 -28.61
N LEU A 271 43.97 -10.44 -27.42
CA LEU A 271 44.06 -9.67 -26.18
C LEU A 271 44.90 -8.39 -26.26
N MET B 1 -25.34 -23.73 -32.49
CA MET B 1 -23.88 -23.63 -32.20
C MET B 1 -23.36 -22.21 -32.40
N GLN B 2 -23.92 -21.30 -31.61
CA GLN B 2 -23.42 -19.94 -31.55
C GLN B 2 -22.28 -19.89 -30.54
N GLY B 3 -21.12 -19.46 -31.00
CA GLY B 3 -20.00 -19.21 -30.09
C GLY B 3 -20.31 -18.00 -29.23
N GLU B 4 -19.78 -17.99 -28.01
CA GLU B 4 -19.91 -16.81 -27.17
C GLU B 4 -18.65 -16.50 -26.36
N ILE B 5 -18.37 -15.20 -26.23
CA ILE B 5 -17.41 -14.73 -25.26
C ILE B 5 -18.22 -14.46 -24.03
N ILE B 6 -18.22 -15.40 -23.09
CA ILE B 6 -19.01 -15.25 -21.87
C ILE B 6 -18.54 -14.01 -21.10
N ALA B 7 -17.24 -13.92 -20.89
CA ALA B 7 -16.66 -12.78 -20.20
C ALA B 7 -15.21 -12.51 -20.63
N GLY B 8 -14.78 -11.26 -20.45
CA GLY B 8 -13.37 -10.91 -20.54
C GLY B 8 -12.89 -10.43 -19.19
N PHE B 9 -11.79 -11.01 -18.70
CA PHE B 9 -11.18 -10.58 -17.44
C PHE B 9 -9.88 -9.84 -17.69
N LEU B 10 -9.66 -8.76 -16.93
CA LEU B 10 -8.31 -8.22 -16.78
C LEU B 10 -7.70 -9.01 -15.64
N ALA B 11 -6.79 -9.92 -16.01
CA ALA B 11 -6.21 -10.88 -15.07
C ALA B 11 -4.68 -10.82 -15.07
N PRO B 12 -4.10 -9.92 -14.25
CA PRO B 12 -2.65 -9.80 -14.20
C PRO B 12 -1.98 -11.04 -13.62
N HIS B 13 -0.68 -11.15 -13.86
CA HIS B 13 0.10 -12.35 -13.55
C HIS B 13 1.26 -12.13 -12.58
N PRO B 14 1.05 -11.40 -11.47
CA PRO B 14 2.19 -11.34 -10.56
C PRO B 14 2.32 -12.61 -9.70
N PRO B 15 3.47 -13.29 -9.82
CA PRO B 15 3.74 -14.57 -9.15
C PRO B 15 3.51 -14.54 -7.65
N HIS B 16 3.77 -13.39 -7.05
CA HIS B 16 3.61 -13.16 -5.61
C HIS B 16 2.24 -13.58 -5.07
N LEU B 17 1.20 -13.44 -5.89
CA LEU B 17 -0.15 -13.85 -5.49
C LEU B 17 -0.28 -15.36 -5.44
N VAL B 18 0.46 -16.08 -6.27
CA VAL B 18 0.46 -17.54 -6.13
C VAL B 18 1.34 -17.91 -4.94
N TYR B 19 2.43 -17.16 -4.76
CA TYR B 19 3.34 -17.35 -3.63
C TYR B 19 2.58 -17.18 -2.31
N GLY B 20 1.78 -16.12 -2.24
CA GLY B 20 0.96 -15.81 -1.08
C GLY B 20 -0.06 -16.87 -0.75
N GLU B 21 -0.56 -17.55 -1.77
CA GLU B 21 -1.55 -18.62 -1.61
C GLU B 21 -0.97 -19.91 -1.03
N ASN B 22 0.27 -20.22 -1.41
CA ASN B 22 0.92 -21.50 -1.08
C ASN B 22 0.24 -22.74 -1.64
N PRO B 23 -0.06 -22.76 -2.97
CA PRO B 23 -0.71 -23.95 -3.52
C PRO B 23 0.26 -25.13 -3.56
N PRO B 24 -0.26 -26.36 -3.76
CA PRO B 24 0.64 -27.51 -3.79
C PRO B 24 1.57 -27.53 -5.01
N GLN B 25 1.21 -26.76 -6.05
CA GLN B 25 2.00 -26.74 -7.29
C GLN B 25 3.25 -25.87 -7.19
N ASN B 26 3.22 -24.89 -6.30
CA ASN B 26 4.31 -23.94 -6.15
C ASN B 26 5.22 -24.32 -4.99
N GLU B 27 6.50 -24.54 -5.29
CA GLU B 27 7.45 -25.06 -4.31
C GLU B 27 7.81 -24.13 -3.13
N PRO B 28 8.14 -22.84 -3.42
CA PRO B 28 8.50 -21.98 -2.30
C PRO B 28 7.30 -21.73 -1.38
N ARG B 29 7.56 -21.56 -0.09
CA ARG B 29 6.50 -21.37 0.90
C ARG B 29 6.56 -20.01 1.59
N SER B 30 5.41 -19.37 1.68
CA SER B 30 5.29 -17.98 2.13
C SER B 30 4.55 -17.86 3.46
N GLN B 31 4.69 -16.68 4.08
CA GLN B 31 3.95 -16.33 5.28
C GLN B 31 2.63 -15.64 4.93
N GLY B 32 2.19 -15.84 3.69
CA GLY B 32 1.07 -15.08 3.15
C GLY B 32 1.59 -13.92 2.31
N GLY B 33 0.84 -12.84 2.28
CA GLY B 33 1.18 -11.70 1.43
C GLY B 33 0.09 -11.40 0.41
N TRP B 34 0.04 -10.13 0.00
CA TRP B 34 -0.82 -9.64 -1.09
C TRP B 34 -2.29 -10.04 -0.97
N GLU B 35 -2.82 -9.95 0.25
CA GLU B 35 -4.14 -10.52 0.52
C GLU B 35 -5.24 -9.77 -0.22
N VAL B 36 -5.11 -8.45 -0.33
CA VAL B 36 -6.08 -7.65 -1.09
C VAL B 36 -6.24 -8.19 -2.52
N LEU B 37 -5.13 -8.38 -3.21
CA LEU B 37 -5.16 -8.87 -4.60
C LEU B 37 -5.58 -10.32 -4.68
N ARG B 38 -5.25 -11.08 -3.65
CA ARG B 38 -5.63 -12.47 -3.58
C ARG B 38 -7.15 -12.61 -3.34
N TRP B 39 -7.74 -11.64 -2.63
CA TRP B 39 -9.19 -11.59 -2.46
C TRP B 39 -9.85 -11.15 -3.75
N ALA B 40 -9.19 -10.22 -4.46
CA ALA B 40 -9.64 -9.76 -5.76
C ALA B 40 -9.87 -10.95 -6.67
N TYR B 41 -8.86 -11.81 -6.73
CA TYR B 41 -8.93 -13.05 -7.51
C TYR B 41 -9.90 -14.06 -6.93
N GLU B 42 -10.12 -14.02 -5.62
CA GLU B 42 -11.09 -14.92 -5.01
C GLU B 42 -12.48 -14.66 -5.60
N ARG B 43 -12.75 -13.38 -5.87
CA ARG B 43 -13.99 -12.97 -6.52
C ARG B 43 -14.03 -13.41 -7.98
N ALA B 44 -12.94 -13.12 -8.70
CA ALA B 44 -12.81 -13.51 -10.11
C ALA B 44 -12.91 -15.03 -10.29
N ARG B 45 -12.35 -15.77 -9.32
CA ARG B 45 -12.35 -17.23 -9.33
C ARG B 45 -13.74 -17.82 -9.28
N GLU B 46 -14.55 -17.39 -8.32
CA GLU B 46 -15.91 -17.88 -8.20
C GLU B 46 -16.78 -17.37 -9.34
N ARG B 47 -16.43 -16.20 -9.85
CA ARG B 47 -17.14 -15.60 -10.97
C ARG B 47 -16.93 -16.43 -12.24
N LEU B 48 -15.71 -16.94 -12.42
CA LEU B 48 -15.41 -17.86 -13.53
C LEU B 48 -15.96 -19.27 -13.28
N ASP B 49 -16.05 -19.65 -12.00
CA ASP B 49 -16.55 -20.96 -11.60
C ASP B 49 -18.03 -21.14 -11.96
N ALA B 50 -18.73 -20.03 -12.12
CA ALA B 50 -20.15 -20.04 -12.43
C ALA B 50 -20.40 -20.06 -13.94
N MET B 51 -19.34 -19.91 -14.73
CA MET B 51 -19.46 -19.70 -16.16
C MET B 51 -19.52 -20.96 -17.00
N LYS B 52 -18.81 -22.00 -16.56
CA LYS B 52 -18.75 -23.28 -17.30
C LYS B 52 -18.24 -23.14 -18.74
N PRO B 53 -17.12 -22.39 -18.95
CA PRO B 53 -16.66 -22.24 -20.34
C PRO B 53 -15.91 -23.47 -20.86
N ASP B 54 -15.93 -23.63 -22.18
CA ASP B 54 -15.20 -24.72 -22.83
C ASP B 54 -13.70 -24.45 -22.80
N VAL B 55 -13.33 -23.18 -22.75
CA VAL B 55 -11.95 -22.79 -22.98
C VAL B 55 -11.61 -21.44 -22.38
N LEU B 56 -10.36 -21.28 -21.97
CA LEU B 56 -9.82 -19.99 -21.55
C LEU B 56 -8.72 -19.54 -22.50
N LEU B 57 -8.85 -18.33 -23.01
CA LEU B 57 -7.84 -17.77 -23.91
C LEU B 57 -7.04 -16.71 -23.19
N VAL B 58 -5.73 -16.92 -23.13
CA VAL B 58 -4.83 -15.99 -22.46
C VAL B 58 -3.83 -15.42 -23.45
N HIS B 59 -3.63 -14.11 -23.38
CA HIS B 59 -2.60 -13.39 -24.14
C HIS B 59 -1.54 -12.95 -23.14
N SER B 60 -0.34 -13.53 -23.25
CA SER B 60 0.70 -13.25 -22.26
C SER B 60 1.88 -12.42 -22.76
N PRO B 61 2.20 -11.33 -22.06
CA PRO B 61 3.38 -10.51 -22.32
C PRO B 61 4.68 -11.29 -22.25
N HIS B 62 4.65 -12.46 -21.63
CA HIS B 62 5.88 -13.20 -21.37
C HIS B 62 6.14 -14.35 -22.33
N TRP B 63 5.28 -14.47 -23.33
CA TRP B 63 5.61 -15.21 -24.53
C TRP B 63 5.75 -14.20 -25.68
N ILE B 64 6.97 -13.67 -25.82
CA ILE B 64 7.28 -12.66 -26.83
C ILE B 64 7.69 -13.35 -28.12
N THR B 65 7.09 -12.94 -29.23
CA THR B 65 7.45 -13.48 -30.53
C THR B 65 7.65 -12.36 -31.55
N SER B 66 8.74 -12.47 -32.31
CA SER B 66 9.05 -11.49 -33.36
C SER B 66 8.23 -11.76 -34.62
N VAL B 67 8.23 -13.01 -35.05
CA VAL B 67 7.58 -13.40 -36.30
C VAL B 67 6.12 -13.75 -36.02
N GLY B 68 5.25 -12.74 -36.09
CA GLY B 68 3.82 -12.95 -35.98
C GLY B 68 3.28 -13.30 -34.60
N HIS B 69 2.07 -13.87 -34.60
CA HIS B 69 1.34 -14.16 -33.37
C HIS B 69 1.20 -15.68 -33.21
N HIS B 70 1.76 -16.21 -32.13
CA HIS B 70 1.84 -17.66 -31.95
C HIS B 70 0.73 -18.20 -31.06
N PHE B 71 0.32 -19.44 -31.33
CA PHE B 71 -0.72 -20.11 -30.54
C PHE B 71 -0.26 -21.49 -30.10
N LEU B 72 -0.41 -21.79 -28.81
CA LEU B 72 -0.15 -23.11 -28.28
C LEU B 72 -0.89 -24.16 -29.09
N GLY B 73 -0.18 -25.15 -29.62
CA GLY B 73 -0.78 -26.11 -30.55
C GLY B 73 -0.51 -27.58 -30.31
N VAL B 74 -0.18 -27.94 -29.07
CA VAL B 74 -0.05 -29.35 -28.69
C VAL B 74 -1.05 -29.62 -27.55
N PRO B 75 -1.78 -30.76 -27.62
CA PRO B 75 -2.91 -31.06 -26.72
C PRO B 75 -2.59 -30.92 -25.23
N GLU B 76 -1.42 -31.39 -24.82
CA GLU B 76 -1.00 -31.35 -23.41
C GLU B 76 0.39 -30.78 -23.27
N LEU B 77 0.54 -29.86 -22.32
CA LEU B 77 1.83 -29.27 -22.00
C LEU B 77 1.97 -29.22 -20.48
N SER B 78 3.19 -29.46 -20.01
CA SER B 78 3.48 -29.43 -18.57
C SER B 78 4.93 -29.02 -18.32
N GLY B 79 5.29 -28.81 -17.06
CA GLY B 79 6.67 -28.53 -16.72
C GLY B 79 6.77 -27.73 -15.44
N LYS B 80 8.01 -27.44 -15.04
CA LYS B 80 8.28 -26.58 -13.90
C LYS B 80 8.51 -25.16 -14.39
N SER B 81 7.63 -24.24 -13.96
CA SER B 81 7.73 -22.85 -14.36
C SER B 81 8.39 -22.04 -13.25
N VAL B 82 9.64 -21.68 -13.48
CA VAL B 82 10.39 -20.83 -12.56
C VAL B 82 10.44 -19.41 -13.11
N ASP B 83 9.94 -18.45 -12.34
CA ASP B 83 9.98 -17.06 -12.73
C ASP B 83 11.43 -16.60 -12.71
N PRO B 84 11.94 -16.08 -13.84
CA PRO B 84 13.36 -15.74 -13.97
C PRO B 84 13.78 -14.61 -13.03
N ILE B 85 12.86 -13.69 -12.78
CA ILE B 85 13.16 -12.50 -12.01
C ILE B 85 12.83 -12.72 -10.55
N PHE B 86 11.83 -13.56 -10.28
CA PHE B 86 11.41 -13.87 -8.92
C PHE B 86 11.45 -15.38 -8.63
N PRO B 87 12.60 -16.03 -8.88
CA PRO B 87 12.64 -17.49 -8.74
C PRO B 87 12.37 -18.00 -7.32
N ASN B 88 12.54 -17.13 -6.34
CA ASN B 88 12.34 -17.45 -4.93
C ASN B 88 10.87 -17.34 -4.49
N VAL B 89 9.99 -16.91 -5.41
CA VAL B 89 8.57 -16.80 -5.09
C VAL B 89 7.72 -17.71 -5.98
N PHE B 90 8.28 -18.12 -7.13
CA PHE B 90 7.50 -18.82 -8.12
C PHE B 90 8.29 -19.96 -8.78
N ARG B 91 7.95 -21.17 -8.37
CA ARG B 91 8.48 -22.41 -8.94
C ARG B 91 7.34 -23.42 -9.02
N TYR B 92 6.56 -23.31 -10.09
CA TYR B 92 5.25 -23.92 -10.20
C TYR B 92 5.25 -25.11 -11.14
N ASP B 93 4.83 -26.26 -10.62
CA ASP B 93 4.63 -27.44 -11.45
C ASP B 93 3.24 -27.40 -12.05
N PHE B 94 3.16 -27.31 -13.38
CA PHE B 94 1.90 -27.18 -14.07
C PHE B 94 1.67 -28.33 -15.06
N SER B 95 0.40 -28.56 -15.37
CA SER B 95 0.02 -29.42 -16.48
C SER B 95 -1.34 -28.96 -17.01
N LEU B 96 -1.37 -28.63 -18.29
CA LEU B 96 -2.57 -28.06 -18.93
C LEU B 96 -2.95 -28.77 -20.23
N ASN B 97 -4.20 -28.57 -20.64
CA ASN B 97 -4.69 -29.03 -21.94
C ASN B 97 -4.93 -27.86 -22.84
N VAL B 98 -4.64 -28.05 -24.13
CA VAL B 98 -4.84 -26.99 -25.11
C VAL B 98 -6.00 -27.34 -26.02
N ASP B 99 -6.94 -26.41 -26.10
CA ASP B 99 -7.98 -26.46 -27.11
C ASP B 99 -7.28 -26.16 -28.43
N VAL B 100 -6.66 -27.20 -29.00
CA VAL B 100 -5.86 -27.05 -30.21
C VAL B 100 -6.72 -26.59 -31.38
N GLU B 101 -7.98 -27.04 -31.39
CA GLU B 101 -8.91 -26.75 -32.47
C GLU B 101 -9.27 -25.26 -32.51
N LEU B 102 -9.52 -24.68 -31.34
CA LEU B 102 -9.75 -23.23 -31.26
C LEU B 102 -8.45 -22.46 -31.55
N ALA B 103 -7.34 -22.97 -31.04
CA ALA B 103 -6.03 -22.37 -31.29
C ALA B 103 -5.76 -22.24 -32.78
N GLU B 104 -6.00 -23.34 -33.51
CA GLU B 104 -5.82 -23.39 -34.95
C GLU B 104 -6.77 -22.46 -35.68
N ALA B 105 -8.02 -22.42 -35.20
CA ALA B 105 -9.04 -21.58 -35.79
C ALA B 105 -8.67 -20.12 -35.58
N CYS B 106 -8.07 -19.82 -34.42
CA CYS B 106 -7.63 -18.47 -34.13
C CYS B 106 -6.52 -18.06 -35.11
N ALA B 107 -5.51 -18.92 -35.25
CA ALA B 107 -4.39 -18.68 -36.16
C ALA B 107 -4.81 -18.56 -37.63
N GLU B 108 -5.86 -19.28 -38.01
CA GLU B 108 -6.35 -19.20 -39.38
C GLU B 108 -7.05 -17.87 -39.64
N GLU B 109 -7.91 -17.46 -38.71
CA GLU B 109 -8.62 -16.19 -38.84
C GLU B 109 -7.62 -15.04 -38.81
N GLY B 110 -6.66 -15.15 -37.89
CA GLY B 110 -5.52 -14.23 -37.84
C GLY B 110 -4.83 -14.13 -39.18
N ARG B 111 -4.50 -15.29 -39.75
CA ARG B 111 -3.82 -15.38 -41.03
C ARG B 111 -4.64 -14.75 -42.16
N LYS B 112 -5.95 -15.00 -42.15
CA LYS B 112 -6.86 -14.51 -43.20
C LYS B 112 -7.04 -13.00 -43.16
N ALA B 113 -6.88 -12.41 -41.98
CA ALA B 113 -7.07 -10.99 -41.78
C ALA B 113 -5.78 -10.18 -41.89
N GLY B 114 -4.71 -10.79 -42.41
CA GLY B 114 -3.48 -10.06 -42.70
C GLY B 114 -2.35 -10.20 -41.70
N LEU B 115 -2.62 -10.81 -40.55
CA LEU B 115 -1.59 -11.07 -39.55
C LEU B 115 -0.82 -12.31 -39.95
N VAL B 116 0.46 -12.35 -39.61
CA VAL B 116 1.22 -13.59 -39.67
C VAL B 116 1.05 -14.33 -38.35
N THR B 117 0.61 -15.58 -38.43
CA THR B 117 0.36 -16.39 -37.25
C THR B 117 1.07 -17.73 -37.36
N LYS B 118 1.34 -18.35 -36.21
CA LYS B 118 1.99 -19.66 -36.18
C LYS B 118 1.42 -20.55 -35.09
N MET B 119 1.39 -21.85 -35.38
CA MET B 119 1.01 -22.82 -34.36
C MET B 119 2.26 -23.40 -33.68
N MET B 120 2.28 -23.34 -32.35
CA MET B 120 3.40 -23.89 -31.60
C MET B 120 3.21 -25.40 -31.42
N ARG B 121 3.99 -26.18 -32.15
CA ARG B 121 3.75 -27.61 -32.26
C ARG B 121 4.74 -28.46 -31.45
N ASN B 122 5.75 -27.80 -30.88
CA ASN B 122 6.78 -28.46 -30.10
C ASN B 122 6.25 -28.87 -28.72
N PRO B 123 6.18 -30.19 -28.44
CA PRO B 123 5.58 -30.69 -27.20
C PRO B 123 6.44 -30.51 -25.95
N LYS B 124 7.71 -30.19 -26.13
CA LYS B 124 8.60 -29.95 -25.00
C LYS B 124 8.66 -28.46 -24.63
N PHE B 125 7.88 -27.65 -25.34
CA PHE B 125 7.75 -26.23 -25.07
C PHE B 125 7.32 -26.00 -23.61
N ARG B 126 8.04 -25.10 -22.94
CA ARG B 126 7.70 -24.69 -21.57
C ARG B 126 6.86 -23.42 -21.61
N VAL B 127 5.55 -23.59 -21.39
CA VAL B 127 4.60 -22.48 -21.34
C VAL B 127 5.10 -21.44 -20.34
N ASP B 128 5.05 -20.18 -20.75
CA ASP B 128 5.61 -19.08 -19.95
C ASP B 128 4.92 -18.91 -18.59
N TYR B 129 5.66 -18.32 -17.65
CA TYR B 129 5.20 -18.10 -16.30
C TYR B 129 4.02 -17.13 -16.21
N GLY B 130 3.96 -16.18 -17.14
CA GLY B 130 2.86 -15.22 -17.18
C GLY B 130 1.53 -15.91 -17.38
N THR B 131 1.46 -16.75 -18.41
CA THR B 131 0.31 -17.61 -18.67
C THR B 131 -0.02 -18.52 -17.48
N ILE B 132 0.97 -19.25 -16.98
CA ILE B 132 0.77 -20.15 -15.85
C ILE B 132 0.20 -19.41 -14.63
N THR B 133 0.78 -18.27 -14.30
CA THR B 133 0.38 -17.49 -13.13
C THR B 133 -1.05 -16.99 -13.26
N THR B 134 -1.40 -16.45 -14.41
CA THR B 134 -2.75 -15.94 -14.64
C THR B 134 -3.77 -17.07 -14.48
N LEU B 135 -3.48 -18.20 -15.12
CA LEU B 135 -4.33 -19.38 -15.10
C LEU B 135 -4.52 -19.95 -13.71
N HIS B 136 -3.46 -20.01 -12.92
CA HIS B 136 -3.61 -20.49 -11.55
C HIS B 136 -4.44 -19.52 -10.74
N LEU B 137 -4.14 -18.23 -10.90
CA LEU B 137 -4.82 -17.16 -10.18
C LEU B 137 -6.32 -17.14 -10.38
N ILE B 138 -6.77 -17.57 -11.57
CA ILE B 138 -8.16 -17.46 -11.93
C ILE B 138 -8.84 -18.84 -11.98
N ARG B 139 -8.05 -19.90 -12.08
CA ARG B 139 -8.58 -21.25 -12.17
C ARG B 139 -7.56 -22.28 -11.66
N PRO B 140 -7.43 -22.43 -10.33
CA PRO B 140 -6.38 -23.31 -9.76
C PRO B 140 -6.65 -24.82 -9.89
N GLN B 141 -7.82 -25.17 -10.42
CA GLN B 141 -8.24 -26.57 -10.59
C GLN B 141 -7.59 -27.18 -11.84
N TRP B 142 -7.22 -26.31 -12.78
CA TRP B 142 -6.62 -26.69 -14.06
C TRP B 142 -7.52 -27.60 -14.91
N ASP B 143 -8.82 -27.36 -14.85
CA ASP B 143 -9.81 -28.22 -15.50
C ASP B 143 -10.46 -27.64 -16.78
N ILE B 144 -10.30 -26.33 -17.00
CA ILE B 144 -10.69 -25.74 -18.28
C ILE B 144 -9.50 -25.82 -19.24
N PRO B 145 -9.72 -26.28 -20.49
CA PRO B 145 -8.68 -26.22 -21.52
C PRO B 145 -8.33 -24.78 -21.87
N VAL B 146 -7.17 -24.56 -22.48
CA VAL B 146 -6.72 -23.21 -22.78
C VAL B 146 -6.17 -23.02 -24.19
N VAL B 147 -6.30 -21.79 -24.68
CA VAL B 147 -5.60 -21.37 -25.88
C VAL B 147 -4.64 -20.27 -25.45
N GLY B 148 -3.36 -20.62 -25.34
CA GLY B 148 -2.32 -19.65 -24.99
C GLY B 148 -1.89 -18.88 -26.23
N ILE B 149 -1.94 -17.56 -26.15
CA ILE B 149 -1.56 -16.71 -27.28
C ILE B 149 -0.29 -15.94 -26.93
N SER B 150 0.64 -15.87 -27.87
CA SER B 150 1.86 -15.09 -27.66
C SER B 150 1.61 -13.59 -27.84
N ALA B 151 2.45 -12.78 -27.21
CA ALA B 151 2.45 -11.34 -27.43
C ALA B 151 3.50 -11.00 -28.48
N ASN B 152 3.03 -10.58 -29.65
CA ASN B 152 3.95 -10.21 -30.72
C ASN B 152 4.67 -8.89 -30.45
N ASN B 153 5.97 -8.89 -30.72
CA ASN B 153 6.83 -7.69 -30.72
C ASN B 153 6.24 -6.33 -31.09
N SER B 154 5.35 -6.32 -32.08
CA SER B 154 4.83 -5.09 -32.74
C SER B 154 4.94 -3.78 -31.94
N PRO B 155 4.27 -3.68 -30.77
CA PRO B 155 4.26 -2.41 -30.06
C PRO B 155 5.62 -1.95 -29.50
N TYR B 156 6.61 -2.83 -29.51
CA TYR B 156 7.95 -2.49 -29.05
C TYR B 156 8.89 -2.26 -30.22
N TYR B 157 8.82 -3.14 -31.21
CA TYR B 157 9.72 -3.12 -32.36
C TYR B 157 9.33 -2.05 -33.38
N LEU B 158 8.02 -1.90 -33.61
CA LEU B 158 7.51 -0.82 -34.43
C LEU B 158 7.16 0.31 -33.50
N ASN B 159 5.89 0.41 -33.13
CA ASN B 159 5.42 1.43 -32.19
C ASN B 159 4.10 1.04 -31.55
N THR B 160 3.76 1.71 -30.45
CA THR B 160 2.49 1.54 -29.75
C THR B 160 1.30 1.47 -30.70
N LYS B 161 1.15 2.48 -31.55
CA LYS B 161 0.05 2.59 -32.52
C LYS B 161 -0.11 1.34 -33.39
N GLU B 162 0.90 1.03 -34.19
CA GLU B 162 0.86 -0.11 -35.12
C GLU B 162 0.73 -1.44 -34.40
N GLY B 163 1.35 -1.52 -33.23
CA GLY B 163 1.25 -2.70 -32.37
C GLY B 163 -0.16 -2.96 -31.89
N MET B 164 -0.81 -1.92 -31.37
CA MET B 164 -2.19 -2.02 -30.93
C MET B 164 -3.12 -2.32 -32.11
N SER B 165 -2.68 -1.93 -33.30
CA SER B 165 -3.43 -2.16 -34.51
C SER B 165 -3.44 -3.65 -34.88
N GLU B 166 -2.28 -4.29 -34.82
CA GLU B 166 -2.16 -5.74 -35.03
C GLU B 166 -2.92 -6.51 -33.96
N MET B 167 -2.83 -5.97 -32.75
CA MET B 167 -3.49 -6.51 -31.59
C MET B 167 -5.02 -6.41 -31.75
N ASP B 168 -5.48 -5.29 -32.31
CA ASP B 168 -6.89 -5.09 -32.64
C ASP B 168 -7.36 -6.15 -33.62
N VAL B 169 -6.57 -6.38 -34.68
CA VAL B 169 -6.89 -7.37 -35.70
C VAL B 169 -6.95 -8.78 -35.07
N LEU B 170 -5.94 -9.13 -34.28
CA LEU B 170 -5.90 -10.40 -33.54
C LEU B 170 -7.18 -10.64 -32.76
N GLY B 171 -7.68 -9.58 -32.11
CA GLY B 171 -8.91 -9.64 -31.33
C GLY B 171 -10.12 -10.05 -32.15
N LYS B 172 -10.38 -9.34 -33.23
CA LYS B 172 -11.55 -9.65 -34.06
C LYS B 172 -11.39 -10.99 -34.77
N ALA B 173 -10.14 -11.36 -35.06
CA ALA B 173 -9.81 -12.66 -35.62
C ALA B 173 -10.13 -13.76 -34.60
N THR B 174 -9.89 -13.45 -33.32
CA THR B 174 -10.20 -14.37 -32.23
C THR B 174 -11.72 -14.51 -32.08
N ARG B 175 -12.44 -13.38 -32.11
CA ARG B 175 -13.90 -13.44 -31.99
C ARG B 175 -14.43 -14.32 -33.12
N GLU B 176 -13.82 -14.17 -34.29
CA GLU B 176 -14.26 -14.85 -35.49
C GLU B 176 -14.06 -16.37 -35.38
N ALA B 177 -12.94 -16.77 -34.78
CA ALA B 177 -12.64 -18.17 -34.57
C ALA B 177 -13.59 -18.80 -33.55
N ILE B 178 -13.92 -18.05 -32.50
CA ILE B 178 -14.80 -18.55 -31.46
C ILE B 178 -16.19 -18.80 -32.04
N ARG B 179 -16.69 -17.86 -32.85
CA ARG B 179 -18.02 -18.04 -33.44
C ARG B 179 -18.05 -19.09 -34.53
N LYS B 180 -16.93 -19.31 -35.21
CA LYS B 180 -16.89 -20.35 -36.22
C LYS B 180 -16.82 -21.73 -35.59
N THR B 181 -16.10 -21.85 -34.48
CA THR B 181 -15.97 -23.14 -33.78
C THR B 181 -17.13 -23.42 -32.84
N GLY B 182 -17.83 -22.37 -32.42
CA GLY B 182 -18.98 -22.49 -31.55
C GLY B 182 -18.63 -22.59 -30.08
N ARG B 183 -17.37 -22.27 -29.77
CA ARG B 183 -16.87 -22.35 -28.40
C ARG B 183 -17.53 -21.36 -27.44
N LYS B 184 -17.65 -21.77 -26.18
CA LYS B 184 -18.11 -20.90 -25.11
C LYS B 184 -16.85 -20.46 -24.38
N ALA B 185 -16.36 -19.27 -24.72
CA ALA B 185 -15.01 -18.87 -24.37
C ALA B 185 -14.94 -17.74 -23.35
N VAL B 186 -14.01 -17.87 -22.40
CA VAL B 186 -13.65 -16.76 -21.52
C VAL B 186 -12.26 -16.19 -21.90
N LEU B 187 -12.18 -14.87 -22.03
CA LEU B 187 -10.92 -14.19 -22.40
C LEU B 187 -10.15 -13.70 -21.18
N LEU B 188 -8.85 -13.96 -21.17
CA LEU B 188 -8.00 -13.51 -20.07
C LEU B 188 -6.88 -12.63 -20.58
N ALA B 189 -6.94 -11.34 -20.24
CA ALA B 189 -5.87 -10.41 -20.62
C ALA B 189 -4.87 -10.32 -19.49
N SER B 190 -3.73 -10.96 -19.67
CA SER B 190 -2.69 -11.05 -18.64
C SER B 190 -1.84 -9.77 -18.61
N ASN B 191 -2.46 -8.66 -18.20
CA ASN B 191 -1.76 -7.37 -18.18
C ASN B 191 -1.80 -6.70 -16.83
N THR B 192 -0.64 -6.18 -16.44
CA THR B 192 -0.52 -5.26 -15.34
C THR B 192 -0.82 -3.85 -15.87
N LEU B 193 -1.28 -2.96 -14.99
CA LEU B 193 -1.38 -1.54 -15.33
C LEU B 193 0.00 -0.90 -15.20
N SER B 194 0.12 0.22 -14.47
CA SER B 194 1.40 0.89 -14.32
C SER B 194 2.48 -0.13 -13.91
N HIS B 195 3.60 -0.13 -14.62
CA HIS B 195 4.64 -1.10 -14.35
C HIS B 195 5.97 -0.47 -13.93
N TRP B 196 5.90 0.71 -13.32
CA TRP B 196 7.06 1.24 -12.61
C TRP B 196 7.22 0.37 -11.37
N HIS B 197 8.45 0.16 -10.93
CA HIS B 197 8.69 -0.80 -9.87
C HIS B 197 9.87 -0.45 -8.99
N PHE B 198 9.96 -1.12 -7.84
CA PHE B 198 11.12 -1.01 -6.98
C PHE B 198 12.27 -1.78 -7.64
N HIS B 199 13.47 -1.24 -7.52
CA HIS B 199 14.64 -1.90 -8.08
C HIS B 199 15.33 -2.85 -7.08
N GLU B 200 14.75 -2.95 -5.88
CA GLU B 200 15.24 -3.86 -4.85
C GLU B 200 14.18 -4.81 -4.32
N GLU B 201 14.60 -6.04 -4.05
CA GLU B 201 13.75 -7.05 -3.43
C GLU B 201 13.78 -6.92 -1.90
N PRO B 202 12.61 -6.87 -1.26
CA PRO B 202 12.56 -6.82 0.21
C PRO B 202 13.14 -8.11 0.81
N THR B 203 13.87 -7.99 1.92
CA THR B 203 14.56 -9.13 2.55
C THR B 203 13.62 -10.32 2.66
N ILE B 204 12.41 -10.04 3.13
CA ILE B 204 11.35 -11.03 3.16
C ILE B 204 10.20 -10.50 2.27
N PRO B 205 10.01 -11.11 1.08
CA PRO B 205 9.13 -10.62 0.02
C PRO B 205 7.68 -10.41 0.45
N GLU B 206 7.17 -11.28 1.33
CA GLU B 206 5.80 -11.19 1.85
C GLU B 206 5.56 -9.93 2.69
N ASP B 207 6.64 -9.25 3.06
CA ASP B 207 6.53 -8.09 3.93
C ASP B 207 5.70 -6.99 3.29
N MET B 208 4.46 -6.88 3.75
CA MET B 208 3.50 -5.96 3.14
C MET B 208 3.67 -4.52 3.62
N SER B 209 4.54 -4.33 4.62
CA SER B 209 4.94 -2.98 5.02
C SER B 209 5.88 -2.37 3.98
N LYS B 210 6.47 -3.23 3.14
CA LYS B 210 7.39 -2.79 2.09
C LYS B 210 6.71 -2.83 0.72
N GLU B 211 5.39 -2.95 0.72
CA GLU B 211 4.62 -3.02 -0.52
C GLU B 211 3.72 -1.81 -0.65
N TYR B 212 3.87 -1.08 -1.75
CA TYR B 212 3.14 0.17 -2.00
C TYR B 212 3.39 0.62 -3.44
N PRO B 213 2.58 1.58 -3.94
CA PRO B 213 2.81 2.08 -5.31
C PRO B 213 4.20 2.69 -5.52
N ALA B 214 4.85 2.34 -6.63
CA ALA B 214 6.19 2.83 -6.97
C ALA B 214 6.22 4.35 -7.09
N THR B 215 5.33 4.89 -7.90
CA THR B 215 5.20 6.33 -8.12
C THR B 215 3.79 6.79 -7.79
N MET B 216 3.64 8.07 -7.50
CA MET B 216 2.31 8.66 -7.32
C MET B 216 1.56 8.73 -8.64
N ALA B 217 2.25 9.23 -9.67
CA ALA B 217 1.62 9.48 -10.97
C ALA B 217 1.07 8.20 -11.59
N GLY B 218 1.84 7.12 -11.48
CA GLY B 218 1.47 5.82 -12.00
C GLY B 218 0.22 5.30 -11.32
N TYR B 219 0.18 5.40 -10.00
CA TYR B 219 -1.00 5.00 -9.23
C TYR B 219 -2.20 5.80 -9.69
N GLN B 220 -1.99 7.11 -9.85
CA GLN B 220 -3.04 8.02 -10.28
C GLN B 220 -3.56 7.65 -11.67
N TRP B 221 -2.64 7.27 -12.55
CA TRP B 221 -3.01 6.75 -13.86
C TRP B 221 -3.83 5.49 -13.71
N ASP B 222 -3.35 4.55 -12.88
CA ASP B 222 -4.06 3.28 -12.64
C ASP B 222 -5.52 3.49 -12.26
N ILE B 223 -5.73 4.28 -11.22
CA ILE B 223 -7.06 4.56 -10.71
C ILE B 223 -7.97 5.16 -11.80
N ARG B 224 -7.52 6.27 -12.39
CA ARG B 224 -8.25 6.93 -13.47
C ARG B 224 -8.71 5.92 -14.51
N MET B 225 -7.77 5.11 -15.00
CA MET B 225 -8.04 4.13 -16.05
C MET B 225 -9.03 3.08 -15.59
N ILE B 226 -8.91 2.59 -14.35
CA ILE B 226 -9.85 1.58 -13.86
C ILE B 226 -11.25 2.17 -13.71
N GLU B 227 -11.31 3.44 -13.30
CA GLU B 227 -12.60 4.12 -13.09
C GLU B 227 -13.39 4.33 -14.37
N LEU B 228 -12.69 4.70 -15.45
CA LEU B 228 -13.31 4.83 -16.77
C LEU B 228 -13.84 3.49 -17.25
N MET B 229 -13.15 2.41 -16.90
CA MET B 229 -13.60 1.06 -17.21
C MET B 229 -14.85 0.71 -16.41
N ARG B 230 -14.90 1.18 -15.16
CA ARG B 230 -16.04 0.96 -14.28
C ARG B 230 -17.24 1.78 -14.72
N GLN B 231 -16.97 2.91 -15.37
CA GLN B 231 -18.00 3.80 -15.83
C GLN B 231 -18.47 3.44 -17.24
N GLY B 232 -17.99 2.30 -17.74
CA GLY B 232 -18.33 1.83 -19.08
C GLY B 232 -17.76 2.63 -20.25
N LYS B 233 -16.96 3.64 -19.94
CA LYS B 233 -16.35 4.49 -20.98
C LYS B 233 -15.16 3.79 -21.65
N THR B 234 -15.44 2.70 -22.33
CA THR B 234 -14.40 1.89 -22.97
C THR B 234 -13.70 2.64 -24.09
N SER B 235 -14.47 3.37 -24.90
CA SER B 235 -13.88 4.22 -25.96
C SER B 235 -12.89 5.24 -25.39
N GLU B 236 -13.19 5.72 -24.18
CA GLU B 236 -12.34 6.70 -23.51
C GLU B 236 -11.03 6.12 -22.97
N VAL B 237 -11.06 4.88 -22.47
CA VAL B 237 -9.83 4.27 -21.98
C VAL B 237 -8.87 4.01 -23.13
N PHE B 238 -9.43 3.64 -24.28
CA PHE B 238 -8.62 3.34 -25.46
C PHE B 238 -8.12 4.59 -26.17
N LYS B 239 -8.87 5.68 -26.04
CA LYS B 239 -8.40 6.98 -26.51
C LYS B 239 -7.18 7.39 -25.68
N LEU B 240 -7.17 6.95 -24.42
CA LEU B 240 -6.12 7.29 -23.46
C LEU B 240 -5.00 6.25 -23.35
N LEU B 241 -5.18 5.10 -24.01
CA LEU B 241 -4.24 4.00 -23.86
C LEU B 241 -2.79 4.31 -24.27
N PRO B 242 -2.59 5.10 -25.35
CA PRO B 242 -1.18 5.44 -25.65
C PRO B 242 -0.48 6.28 -24.58
N GLN B 243 -1.13 7.36 -24.12
CA GLN B 243 -0.55 8.21 -23.08
C GLN B 243 -0.31 7.45 -21.78
N PHE B 244 -1.33 6.68 -21.37
CA PHE B 244 -1.21 5.77 -20.22
C PHE B 244 0.01 4.84 -20.33
N ILE B 245 0.26 4.30 -21.52
CA ILE B 245 1.41 3.44 -21.78
C ILE B 245 2.71 4.19 -21.51
N ASP B 246 2.85 5.35 -22.13
CA ASP B 246 4.10 6.10 -22.05
C ASP B 246 4.38 6.58 -20.64
N GLU B 247 3.37 7.16 -19.99
CA GLU B 247 3.57 7.85 -18.72
C GLU B 247 3.59 6.90 -17.50
N ALA B 248 2.82 5.83 -17.57
CA ALA B 248 2.72 4.87 -16.47
C ALA B 248 3.49 3.58 -16.76
N PHE B 249 4.14 3.51 -17.93
CA PHE B 249 4.91 2.33 -18.34
C PHE B 249 4.01 1.08 -18.20
N ALA B 250 2.73 1.26 -18.55
CA ALA B 250 1.70 0.24 -18.33
C ALA B 250 1.92 -0.99 -19.20
N GLU B 251 1.74 -2.16 -18.60
CA GLU B 251 2.00 -3.43 -19.29
C GLU B 251 0.92 -3.76 -20.34
N VAL B 252 -0.08 -2.90 -20.48
CA VAL B 252 -1.10 -3.09 -21.52
C VAL B 252 -0.50 -2.81 -22.92
N LYS B 253 0.73 -2.30 -22.93
CA LYS B 253 1.49 -2.12 -24.15
C LYS B 253 1.78 -3.46 -24.80
N SER B 254 1.83 -4.51 -23.99
CA SER B 254 2.08 -5.86 -24.46
C SER B 254 1.03 -6.29 -25.47
N GLY B 255 -0.23 -5.97 -25.19
CA GLY B 255 -1.30 -6.12 -26.17
C GLY B 255 -2.57 -6.84 -25.73
N ALA B 256 -2.49 -7.61 -24.64
CA ALA B 256 -3.61 -8.44 -24.21
C ALA B 256 -4.93 -7.68 -24.06
N PHE B 257 -4.88 -6.54 -23.39
CA PHE B 257 -6.05 -5.72 -23.14
C PHE B 257 -6.78 -5.36 -24.44
N THR B 258 -6.04 -4.93 -25.45
CA THR B 258 -6.60 -4.54 -26.74
C THR B 258 -7.13 -5.76 -27.48
N TRP B 259 -6.32 -6.82 -27.53
CA TRP B 259 -6.75 -8.10 -28.06
C TRP B 259 -8.12 -8.47 -27.50
N MET B 260 -8.23 -8.37 -26.18
CA MET B 260 -9.46 -8.76 -25.49
C MET B 260 -10.64 -7.89 -25.90
N HIS B 261 -10.46 -6.57 -25.82
CA HIS B 261 -11.54 -5.64 -26.13
C HIS B 261 -11.92 -5.64 -27.59
N ALA B 262 -10.93 -5.90 -28.45
CA ALA B 262 -11.19 -6.08 -29.87
C ALA B 262 -12.00 -7.34 -30.09
N ALA B 263 -11.78 -8.35 -29.24
CA ALA B 263 -12.56 -9.59 -29.32
C ALA B 263 -13.96 -9.40 -28.75
N MET B 264 -14.10 -8.44 -27.84
CA MET B 264 -15.38 -8.12 -27.21
C MET B 264 -16.12 -7.00 -27.95
N GLN B 265 -15.56 -6.58 -29.09
CA GLN B 265 -16.09 -5.48 -29.91
C GLN B 265 -16.18 -4.17 -29.13
N TYR B 266 -15.14 -3.93 -28.33
CA TYR B 266 -15.03 -2.74 -27.50
C TYR B 266 -16.38 -2.36 -26.86
N PRO B 267 -16.92 -3.24 -25.99
CA PRO B 267 -18.23 -2.97 -25.41
C PRO B 267 -18.22 -1.75 -24.51
N GLU B 268 -19.12 -0.81 -24.76
CA GLU B 268 -19.27 0.38 -23.92
C GLU B 268 -20.04 -0.05 -22.66
N LEU B 269 -19.39 -0.92 -21.88
CA LEU B 269 -20.02 -1.68 -20.79
C LEU B 269 -19.22 -1.53 -19.51
N ALA B 270 -19.92 -1.47 -18.38
CA ALA B 270 -19.28 -1.31 -17.07
C ALA B 270 -18.56 -2.58 -16.62
N ALA B 271 -17.25 -2.46 -16.41
CA ALA B 271 -16.45 -3.55 -15.87
C ALA B 271 -16.64 -3.62 -14.37
N GLU B 272 -16.67 -4.84 -13.82
CA GLU B 272 -16.66 -5.01 -12.38
C GLU B 272 -15.22 -5.10 -11.88
N LEU B 273 -14.87 -4.20 -10.95
CA LEU B 273 -13.56 -4.25 -10.32
C LEU B 273 -13.63 -5.17 -9.10
N PHE B 274 -12.79 -6.20 -9.09
CA PHE B 274 -12.65 -7.09 -7.93
C PHE B 274 -11.64 -6.55 -6.94
N GLY B 275 -10.70 -5.75 -7.43
CA GLY B 275 -9.68 -5.21 -6.57
C GLY B 275 -8.47 -4.67 -7.29
N TYR B 276 -7.83 -3.72 -6.62
CA TYR B 276 -6.58 -3.14 -7.06
C TYR B 276 -5.59 -3.31 -5.93
N GLY B 277 -4.33 -3.49 -6.30
CA GLY B 277 -3.23 -3.52 -5.35
C GLY B 277 -1.91 -3.47 -6.08
N THR B 278 -0.83 -3.29 -5.34
CA THR B 278 0.48 -3.25 -5.96
C THR B 278 1.32 -4.48 -5.62
N VAL B 279 2.16 -4.87 -6.57
CA VAL B 279 3.18 -5.89 -6.34
C VAL B 279 4.52 -5.33 -6.80
N ILE B 280 5.43 -5.11 -5.84
CA ILE B 280 6.73 -4.49 -6.10
C ILE B 280 6.55 -3.11 -6.76
N GLY B 281 5.53 -2.39 -6.31
CA GLY B 281 5.28 -1.04 -6.80
C GLY B 281 4.39 -0.97 -8.03
N THR B 282 4.12 -2.14 -8.59
CA THR B 282 3.41 -2.33 -9.84
C THR B 282 1.88 -2.30 -9.62
N GLY B 283 1.16 -1.63 -10.51
CA GLY B 283 -0.29 -1.51 -10.37
C GLY B 283 -1.05 -2.66 -10.98
N ASN B 284 -1.92 -3.30 -10.20
CA ASN B 284 -2.66 -4.47 -10.70
C ASN B 284 -4.13 -4.43 -10.34
N ALA B 285 -4.97 -4.38 -11.37
CA ALA B 285 -6.41 -4.49 -11.21
C ALA B 285 -6.91 -5.84 -11.72
N VAL B 286 -7.83 -6.45 -10.98
CA VAL B 286 -8.49 -7.67 -11.42
C VAL B 286 -9.94 -7.31 -11.71
N MET B 287 -10.33 -7.43 -12.97
CA MET B 287 -11.62 -6.88 -13.43
C MET B 287 -12.32 -7.82 -14.41
N GLU B 288 -13.61 -7.63 -14.61
CA GLU B 288 -14.41 -8.44 -15.52
C GLU B 288 -15.37 -7.62 -16.37
N TRP B 289 -15.46 -8.00 -17.63
CA TRP B 289 -16.53 -7.58 -18.51
C TRP B 289 -17.45 -8.78 -18.72
N ASP B 290 -18.60 -8.74 -18.05
CA ASP B 290 -19.60 -9.80 -18.13
C ASP B 290 -20.49 -9.56 -19.35
N LEU B 291 -20.13 -10.19 -20.47
CA LEU B 291 -20.85 -10.01 -21.73
C LEU B 291 -22.18 -10.76 -21.77
N ARG B 292 -22.24 -11.89 -21.06
CA ARG B 292 -23.47 -12.69 -20.96
C ARG B 292 -24.59 -11.95 -20.22
N LYS B 293 -24.25 -11.27 -19.12
CA LYS B 293 -25.20 -10.45 -18.37
C LYS B 293 -25.66 -9.23 -19.18
N ALA B 294 -24.79 -8.72 -20.04
CA ALA B 294 -25.10 -7.56 -20.86
C ALA B 294 -25.81 -7.96 -22.16
N GLY B 295 -25.88 -9.26 -22.42
CA GLY B 295 -26.49 -9.77 -23.64
C GLY B 295 -25.68 -9.37 -24.87
N LEU B 296 -24.36 -9.38 -24.74
CA LEU B 296 -23.45 -9.08 -25.84
C LEU B 296 -22.51 -10.25 -26.12
N SER B 297 -22.75 -11.36 -25.46
CA SER B 297 -21.86 -12.53 -25.52
C SER B 297 -21.98 -13.35 -26.80
N MET B 298 -23.21 -13.58 -27.27
CA MET B 298 -23.46 -14.39 -28.46
C MET B 298 -22.86 -13.75 -29.71
N LEU B 299 -22.09 -14.54 -30.46
CA LEU B 299 -21.27 -14.02 -31.55
C LEU B 299 -21.91 -14.10 -32.95
N GLY B 300 -23.14 -14.62 -33.02
CA GLY B 300 -23.84 -14.74 -34.30
C GLY B 300 -23.80 -16.16 -34.84
N ALA B 301 -24.32 -16.33 -36.06
CA ALA B 301 -24.53 -17.65 -36.67
C ALA B 301 -23.23 -18.38 -37.05
N ALA B 302 -23.04 -18.60 -38.37
CA ALA B 302 -21.90 -19.34 -38.94
C ALA B 302 -21.57 -18.79 -40.33
N THR C 2 13.03 36.38 30.14
CA THR C 2 11.90 36.39 29.18
C THR C 2 10.55 36.15 29.86
N VAL C 3 10.45 35.09 30.65
CA VAL C 3 9.20 34.73 31.34
C VAL C 3 9.00 35.65 32.54
N VAL C 4 7.83 36.27 32.63
CA VAL C 4 7.48 37.19 33.71
C VAL C 4 6.34 36.68 34.60
N SER C 5 5.75 35.56 34.21
CA SER C 5 4.64 34.92 34.94
C SER C 5 4.57 33.42 34.66
N ALA C 6 4.18 32.65 35.66
CA ALA C 6 3.99 31.22 35.48
C ALA C 6 2.79 30.76 36.27
N PHE C 7 1.95 29.95 35.64
CA PHE C 7 0.67 29.53 36.20
C PHE C 7 0.34 28.12 35.76
N LEU C 8 -0.31 27.40 36.66
CA LEU C 8 -0.88 26.11 36.34
C LEU C 8 -2.34 26.18 36.74
N VAL C 9 -3.20 26.24 35.74
CA VAL C 9 -4.65 26.36 35.98
C VAL C 9 -5.32 25.04 35.60
N PRO C 10 -6.47 24.74 36.23
CA PRO C 10 -7.11 23.47 35.84
C PRO C 10 -7.73 23.52 34.44
N GLY C 11 -7.71 22.39 33.76
CA GLY C 11 -8.30 22.27 32.42
C GLY C 11 -9.76 21.82 32.41
N THR C 12 -10.32 21.59 33.59
CA THR C 12 -11.71 21.19 33.68
C THR C 12 -12.64 22.39 33.52
N PRO C 13 -13.81 22.19 32.90
CA PRO C 13 -14.72 23.31 32.69
C PRO C 13 -15.72 23.53 33.84
N LEU C 14 -15.84 22.55 34.74
CA LEU C 14 -16.79 22.63 35.84
C LEU C 14 -16.68 23.92 36.68
N PRO C 15 -15.44 24.35 37.00
CA PRO C 15 -15.31 25.64 37.70
C PRO C 15 -15.96 26.81 36.98
N GLN C 16 -15.76 26.93 35.67
CA GLN C 16 -16.40 27.99 34.88
C GLN C 16 -17.89 27.75 34.68
N LEU C 17 -18.26 26.51 34.38
CA LEU C 17 -19.63 26.14 33.99
C LEU C 17 -20.65 26.28 35.11
N LYS C 18 -20.37 25.67 36.26
CA LYS C 18 -21.29 25.74 37.40
C LYS C 18 -20.55 26.19 38.66
N PRO C 19 -20.20 27.50 38.73
CA PRO C 19 -19.45 28.02 39.88
C PRO C 19 -20.28 28.21 41.15
N GLU C 20 -21.58 27.93 41.09
CA GLU C 20 -22.43 27.95 42.29
C GLU C 20 -22.14 26.77 43.23
N VAL C 21 -21.56 25.71 42.67
CA VAL C 21 -21.01 24.62 43.47
C VAL C 21 -19.72 25.14 44.10
N PRO C 22 -19.70 25.24 45.44
CA PRO C 22 -18.66 25.93 46.21
C PRO C 22 -17.23 25.49 45.93
N SER C 23 -16.99 24.18 45.82
CA SER C 23 -15.67 23.66 45.49
C SER C 23 -15.23 24.15 44.11
N TRP C 24 -16.16 24.11 43.16
CA TRP C 24 -15.89 24.51 41.79
C TRP C 24 -15.81 26.04 41.68
N GLY C 25 -16.67 26.73 42.43
CA GLY C 25 -16.62 28.20 42.51
C GLY C 25 -15.32 28.73 43.07
N GLN C 26 -14.80 28.05 44.10
CA GLN C 26 -13.53 28.38 44.72
C GLN C 26 -12.39 28.29 43.70
N LEU C 27 -12.43 27.26 42.85
CA LEU C 27 -11.42 27.09 41.78
C LEU C 27 -11.56 28.14 40.69
N ALA C 28 -12.80 28.51 40.39
CA ALA C 28 -13.10 29.55 39.41
C ALA C 28 -12.51 30.90 39.81
N ALA C 29 -12.70 31.28 41.07
CA ALA C 29 -12.18 32.53 41.61
C ALA C 29 -10.65 32.51 41.65
N ALA C 30 -10.08 31.37 42.02
CA ALA C 30 -8.63 31.17 42.05
C ALA C 30 -7.99 31.35 40.67
N THR C 31 -8.64 30.82 39.64
CA THR C 31 -8.16 30.97 38.27
C THR C 31 -8.31 32.43 37.83
N GLU C 32 -9.45 33.04 38.17
CA GLU C 32 -9.67 34.47 37.93
C GLU C 32 -8.58 35.32 38.58
N ARG C 33 -8.20 34.95 39.81
CA ARG C 33 -7.11 35.63 40.53
C ARG C 33 -5.78 35.51 39.82
N ALA C 34 -5.52 34.30 39.31
CA ALA C 34 -4.30 34.04 38.55
C ALA C 34 -4.25 34.90 37.30
N GLY C 35 -5.42 35.08 36.69
CA GLY C 35 -5.59 35.96 35.53
C GLY C 35 -5.25 37.40 35.83
N LYS C 36 -5.61 37.87 37.02
CA LYS C 36 -5.24 39.21 37.47
C LYS C 36 -3.72 39.29 37.57
N ALA C 37 -3.12 38.28 38.19
CA ALA C 37 -1.67 38.20 38.38
C ALA C 37 -0.96 38.13 37.03
N LEU C 38 -1.54 37.35 36.12
CA LEU C 38 -1.10 37.29 34.73
C LEU C 38 -1.04 38.69 34.11
N ALA C 39 -2.15 39.43 34.23
CA ALA C 39 -2.26 40.78 33.67
C ALA C 39 -1.26 41.74 34.31
N ALA C 40 -1.13 41.64 35.63
CA ALA C 40 -0.24 42.49 36.42
C ALA C 40 1.21 42.51 35.93
N SER C 41 1.65 41.37 35.39
CA SER C 41 3.03 41.20 34.92
C SER C 41 3.26 41.72 33.50
N ARG C 42 2.22 42.28 32.90
CA ARG C 42 2.26 42.87 31.56
C ARG C 42 3.03 42.02 30.53
N PRO C 43 2.58 40.77 30.28
CA PRO C 43 3.22 40.00 29.21
C PRO C 43 2.69 40.40 27.84
N ASP C 44 3.51 40.21 26.81
CA ASP C 44 3.08 40.45 25.44
C ASP C 44 2.37 39.23 24.87
N VAL C 45 2.73 38.04 25.37
CA VAL C 45 2.11 36.78 24.95
C VAL C 45 1.97 35.80 26.11
N VAL C 46 1.01 34.90 25.98
CA VAL C 46 0.80 33.84 26.94
C VAL C 46 1.15 32.50 26.30
N LEU C 47 2.23 31.88 26.79
CA LEU C 47 2.70 30.58 26.31
C LEU C 47 1.85 29.49 26.96
N VAL C 48 0.94 28.92 26.17
CA VAL C 48 -0.05 27.98 26.70
C VAL C 48 0.20 26.56 26.24
N TYR C 49 0.04 25.62 27.17
CA TYR C 49 -0.02 24.21 26.86
C TYR C 49 -1.20 23.67 27.64
N SER C 50 -2.00 22.85 26.97
CA SER C 50 -3.15 22.21 27.60
C SER C 50 -3.05 20.70 27.45
N THR C 51 -3.55 19.97 28.45
CA THR C 51 -3.53 18.52 28.42
C THR C 51 -4.58 17.95 27.50
N GLN C 52 -5.63 18.72 27.24
CA GLN C 52 -6.78 18.29 26.45
C GLN C 52 -6.61 18.58 24.95
N TRP C 53 -5.57 19.34 24.60
CA TRP C 53 -5.31 19.76 23.24
C TRP C 53 -4.36 18.76 22.61
N LEU C 54 -4.92 17.65 22.12
CA LEU C 54 -4.12 16.48 21.75
C LEU C 54 -3.63 16.44 20.30
N ALA C 55 -2.40 15.98 20.12
CA ALA C 55 -1.80 15.75 18.81
C ALA C 55 -1.04 14.43 18.84
N VAL C 56 -1.07 13.69 17.72
CA VAL C 56 -0.43 12.36 17.67
C VAL C 56 0.64 12.19 16.58
N LEU C 57 0.66 13.11 15.62
CA LEU C 57 1.70 13.11 14.59
C LEU C 57 2.78 14.11 14.96
N ASP C 58 2.96 15.13 14.12
CA ASP C 58 3.88 16.21 14.45
C ASP C 58 3.22 17.15 15.43
N GLN C 59 4.06 17.89 16.17
CA GLN C 59 3.61 18.85 17.16
C GLN C 59 2.79 19.98 16.53
N GLN C 60 1.73 20.38 17.23
CA GLN C 60 0.84 21.43 16.75
C GLN C 60 0.99 22.75 17.52
N TRP C 61 0.99 23.85 16.77
CA TRP C 61 0.99 25.21 17.32
C TRP C 61 -0.18 25.98 16.74
N LEU C 62 -0.99 26.58 17.60
CA LEU C 62 -2.13 27.39 17.15
C LEU C 62 -1.58 28.58 16.39
N THR C 63 -1.92 28.67 15.10
CA THR C 63 -1.46 29.78 14.27
C THR C 63 -2.59 30.60 13.67
N ARG C 64 -3.83 30.31 14.07
CA ARG C 64 -4.97 31.08 13.60
C ARG C 64 -5.03 32.39 14.38
N PRO C 65 -4.95 33.53 13.66
CA PRO C 65 -5.02 34.89 14.24
C PRO C 65 -6.16 35.06 15.25
N ARG C 66 -7.37 34.65 14.87
CA ARG C 66 -8.54 34.75 15.73
C ARG C 66 -9.44 33.53 15.59
N SER C 67 -9.56 32.76 16.66
CA SER C 67 -10.48 31.63 16.73
C SER C 67 -11.67 31.97 17.61
N GLU C 68 -12.86 31.91 17.04
CA GLU C 68 -14.06 32.18 17.81
C GLU C 68 -15.18 31.17 17.54
N GLY C 69 -15.96 30.89 18.58
CA GLY C 69 -17.10 30.00 18.46
C GLY C 69 -17.63 29.55 19.80
N VAL C 70 -18.40 28.48 19.78
CA VAL C 70 -18.99 27.90 20.98
C VAL C 70 -18.55 26.45 21.07
N HIS C 71 -17.89 26.11 22.18
CA HIS C 71 -17.49 24.74 22.41
C HIS C 71 -18.42 24.13 23.43
N VAL C 72 -18.77 22.86 23.22
CA VAL C 72 -19.50 22.10 24.21
C VAL C 72 -18.62 20.92 24.62
N ASP C 73 -18.27 20.84 25.89
CA ASP C 73 -17.48 19.73 26.38
C ASP C 73 -18.21 18.40 26.16
N GLU C 74 -17.49 17.40 25.64
CA GLU C 74 -18.07 16.09 25.32
C GLU C 74 -18.36 15.20 26.56
N ASN C 75 -17.83 15.61 27.70
CA ASN C 75 -18.18 14.98 28.97
C ASN C 75 -19.15 15.83 29.78
N TRP C 76 -18.90 17.14 29.81
CA TRP C 76 -19.62 18.05 30.69
C TRP C 76 -20.55 19.00 29.92
N TYR C 77 -21.24 18.47 28.92
CA TYR C 77 -22.18 19.25 28.10
C TYR C 77 -23.43 19.71 28.85
N GLU C 78 -23.79 19.00 29.92
CA GLU C 78 -25.02 19.27 30.65
C GLU C 78 -24.90 20.52 31.55
N PHE C 79 -23.66 20.96 31.78
CA PHE C 79 -23.41 22.08 32.69
C PHE C 79 -23.31 23.43 31.99
N GLY C 80 -23.41 23.44 30.66
CA GLY C 80 -23.39 24.70 29.90
C GLY C 80 -22.48 24.69 28.69
N ASP C 81 -22.39 25.85 28.05
CA ASP C 81 -21.60 26.00 26.84
C ASP C 81 -20.38 26.87 27.10
N LEU C 82 -19.33 26.68 26.29
CA LEU C 82 -18.09 27.40 26.46
C LEU C 82 -17.78 28.25 25.23
N ALA C 83 -18.26 29.49 25.24
CA ALA C 83 -18.02 30.43 24.13
C ALA C 83 -16.61 30.99 24.23
N TYR C 84 -15.95 31.11 23.08
CA TYR C 84 -14.55 31.52 23.07
C TYR C 84 -14.21 32.50 21.94
N ASP C 85 -13.33 33.44 22.25
CA ASP C 85 -12.81 34.40 21.29
C ASP C 85 -11.33 34.60 21.59
N ILE C 86 -10.49 33.85 20.89
CA ILE C 86 -9.09 33.68 21.26
C ILE C 86 -8.11 34.14 20.18
N ARG C 87 -7.26 35.11 20.54
CA ARG C 87 -6.21 35.60 19.65
C ARG C 87 -4.93 34.80 19.85
N ALA C 88 -4.25 34.54 18.73
CA ALA C 88 -2.93 33.94 18.76
C ALA C 88 -1.92 34.96 18.25
N ASP C 89 -0.70 34.88 18.78
CA ASP C 89 0.41 35.62 18.20
C ASP C 89 0.94 34.81 17.05
N THR C 90 0.44 35.11 15.86
CA THR C 90 0.82 34.37 14.66
C THR C 90 2.32 34.44 14.43
N ALA C 91 2.90 35.61 14.66
CA ALA C 91 4.33 35.83 14.48
C ALA C 91 5.17 34.89 15.33
N LEU C 92 4.83 34.80 16.61
CA LEU C 92 5.54 33.96 17.56
C LEU C 92 5.26 32.48 17.32
N ALA C 93 3.98 32.13 17.18
CA ALA C 93 3.56 30.76 16.96
C ALA C 93 4.20 30.16 15.70
N GLU C 94 4.19 30.95 14.62
CA GLU C 94 4.81 30.55 13.36
C GLU C 94 6.32 30.32 13.53
N ALA C 95 6.97 31.15 14.34
CA ALA C 95 8.39 30.98 14.64
C ALA C 95 8.67 29.71 15.44
N CYS C 96 7.70 29.30 16.26
CA CYS C 96 7.80 28.05 17.03
C CYS C 96 7.71 26.83 16.12
N VAL C 97 6.83 26.89 15.12
CA VAL C 97 6.71 25.85 14.10
C VAL C 97 8.06 25.64 13.43
N THR C 98 8.75 26.75 13.09
CA THR C 98 10.04 26.73 12.40
C THR C 98 11.17 26.24 13.30
N SER C 99 11.15 26.66 14.56
CA SER C 99 12.21 26.32 15.50
C SER C 99 12.16 24.86 15.96
N SER C 100 10.97 24.27 15.97
CA SER C 100 10.77 22.92 16.47
C SER C 100 11.63 21.85 15.78
N PRO C 101 11.67 21.84 14.42
CA PRO C 101 12.52 20.85 13.76
C PRO C 101 14.01 21.06 14.06
N LEU C 102 14.42 22.33 14.20
CA LEU C 102 15.80 22.64 14.62
C LEU C 102 16.09 22.01 15.98
N HIS C 103 15.08 21.83 16.81
CA HIS C 103 15.26 21.19 18.12
C HIS C 103 14.76 19.74 18.14
N GLY C 104 14.73 19.12 16.96
CA GLY C 104 14.42 17.69 16.83
C GLY C 104 12.97 17.31 17.10
N VAL C 105 12.04 18.14 16.65
CA VAL C 105 10.61 17.86 16.78
C VAL C 105 9.88 18.42 15.57
N HIS C 106 9.32 17.54 14.75
CA HIS C 106 8.56 17.99 13.57
C HIS C 106 7.26 18.69 14.02
N ALA C 107 7.01 19.85 13.44
CA ALA C 107 5.87 20.67 13.86
C ALA C 107 5.16 21.35 12.69
N ARG C 108 3.89 21.67 12.93
CA ARG C 108 3.07 22.38 11.97
C ARG C 108 2.21 23.41 12.71
N GLY C 109 1.69 24.37 11.97
CA GLY C 109 0.72 25.31 12.51
C GLY C 109 -0.68 24.78 12.26
N VAL C 110 -1.62 25.21 13.09
CA VAL C 110 -3.03 24.89 12.82
C VAL C 110 -3.88 26.17 12.68
N ASN C 111 -4.17 26.51 11.43
CA ASN C 111 -4.96 27.68 11.10
C ASN C 111 -6.15 27.31 10.23
N TYR C 112 -7.25 26.92 10.89
CA TYR C 112 -8.49 26.56 10.20
C TYR C 112 -9.71 27.01 11.01
N ASP C 113 -10.64 27.69 10.35
CA ASP C 113 -11.90 28.05 10.96
C ASP C 113 -12.64 26.78 11.37
N GLY C 114 -13.05 26.72 12.63
CA GLY C 114 -13.76 25.56 13.16
C GLY C 114 -12.86 24.56 13.87
N PHE C 115 -11.55 24.81 13.87
CA PHE C 115 -10.61 23.89 14.53
C PHE C 115 -10.98 23.75 16.01
N PRO C 116 -11.12 22.50 16.50
CA PRO C 116 -11.57 22.25 17.87
C PRO C 116 -10.53 22.59 18.95
N ILE C 117 -10.44 23.88 19.32
CA ILE C 117 -9.67 24.29 20.51
C ILE C 117 -10.27 23.57 21.71
N ASP C 118 -9.41 22.96 22.52
CA ASP C 118 -9.85 22.10 23.62
C ASP C 118 -10.52 22.89 24.74
N THR C 119 -11.15 22.17 25.66
CA THR C 119 -11.82 22.76 26.82
C THR C 119 -10.87 23.59 27.67
N GLY C 120 -9.76 22.98 28.08
CA GLY C 120 -8.81 23.59 28.99
C GLY C 120 -8.34 24.94 28.52
N THR C 121 -8.00 25.05 27.25
CA THR C 121 -7.55 26.32 26.69
C THR C 121 -8.68 27.35 26.74
N ILE C 122 -9.89 26.91 26.41
CA ILE C 122 -11.08 27.79 26.42
C ILE C 122 -11.42 28.25 27.84
N THR C 123 -11.36 27.33 28.81
CA THR C 123 -11.72 27.66 30.19
C THR C 123 -10.66 28.55 30.85
N ALA C 124 -9.40 28.31 30.50
CA ALA C 124 -8.30 29.13 31.00
C ALA C 124 -8.41 30.54 30.41
N CYS C 125 -8.71 30.61 29.11
CA CYS C 125 -8.94 31.88 28.43
C CYS C 125 -10.07 32.69 29.06
N THR C 126 -11.21 32.05 29.28
CA THR C 126 -12.39 32.73 29.82
C THR C 126 -12.12 33.25 31.23
N LEU C 127 -11.57 32.38 32.08
CA LEU C 127 -11.34 32.69 33.47
C LEU C 127 -10.17 33.63 33.72
N MET C 128 -9.15 33.56 32.86
CA MET C 128 -7.91 34.32 33.06
C MET C 128 -7.86 35.66 32.33
N GLY C 129 -8.79 35.89 31.42
CA GLY C 129 -8.76 37.10 30.58
C GLY C 129 -7.61 37.05 29.59
N ILE C 130 -7.23 35.85 29.18
CA ILE C 130 -6.16 35.65 28.20
C ILE C 130 -6.74 35.13 26.89
N GLY C 131 -6.00 35.30 25.80
CA GLY C 131 -6.53 35.00 24.47
C GLY C 131 -7.07 36.27 23.83
N THR C 132 -6.83 37.40 24.48
CA THR C 132 -7.25 38.71 23.99
C THR C 132 -6.16 39.24 23.08
N ASP C 133 -6.43 40.34 22.37
CA ASP C 133 -5.39 40.93 21.53
C ASP C 133 -4.29 41.55 22.40
N ALA C 134 -4.61 41.81 23.67
CA ALA C 134 -3.65 42.32 24.64
C ALA C 134 -2.79 41.18 25.17
N PHE C 135 -3.41 40.04 25.45
CA PHE C 135 -2.70 38.83 25.88
C PHE C 135 -2.93 37.68 24.90
N PRO C 136 -2.35 37.78 23.68
CA PRO C 136 -2.56 36.72 22.68
C PRO C 136 -1.89 35.41 23.10
N LEU C 137 -2.25 34.31 22.44
CA LEU C 137 -1.75 33.00 22.83
C LEU C 137 -0.76 32.40 21.85
N VAL C 138 0.19 31.65 22.40
CA VAL C 138 0.93 30.67 21.62
C VAL C 138 0.66 29.34 22.30
N VAL C 139 -0.22 28.56 21.68
CA VAL C 139 -0.58 27.26 22.23
C VAL C 139 0.27 26.19 21.57
N GLY C 140 0.98 25.42 22.40
CA GLY C 140 1.63 24.21 21.94
C GLY C 140 0.76 23.01 22.29
N SER C 141 0.72 22.03 21.39
CA SER C 141 -0.11 20.83 21.59
C SER C 141 0.53 19.82 22.51
N ASN C 142 -0.33 19.06 23.20
CA ASN C 142 0.09 17.86 23.89
C ASN C 142 0.23 16.75 22.85
N ASN C 143 1.44 16.51 22.40
CA ASN C 143 1.70 15.37 21.54
C ASN C 143 1.82 14.13 22.41
N LEU C 144 0.95 13.15 22.15
CA LEU C 144 0.87 11.94 22.98
C LEU C 144 2.17 11.15 23.01
N TYR C 145 2.98 11.33 21.97
CA TYR C 145 4.27 10.68 21.86
C TYR C 145 5.44 11.45 22.52
N HIS C 146 5.18 12.67 22.98
CA HIS C 146 6.19 13.48 23.69
C HIS C 146 6.23 13.17 25.18
N SER C 147 7.45 12.98 25.70
CA SER C 147 7.63 12.78 27.13
C SER C 147 7.77 14.13 27.82
N GLY C 148 7.84 14.10 29.14
CA GLY C 148 8.10 15.30 29.94
C GLY C 148 9.32 16.04 29.43
N GLU C 149 10.37 15.29 29.10
CA GLU C 149 11.63 15.87 28.67
C GLU C 149 11.49 16.66 27.37
N ILE C 150 10.65 16.17 26.47
CA ILE C 150 10.45 16.82 25.18
C ILE C 150 9.51 18.03 25.33
N THR C 151 8.54 17.93 26.23
CA THR C 151 7.65 19.04 26.54
C THR C 151 8.46 20.24 27.02
N GLU C 152 9.44 19.98 27.87
CA GLU C 152 10.33 21.02 28.36
C GLU C 152 11.12 21.66 27.24
N LYS C 153 11.61 20.83 26.32
CA LYS C 153 12.33 21.31 25.16
C LYS C 153 11.43 22.23 24.33
N LEU C 154 10.16 21.84 24.22
CA LEU C 154 9.15 22.61 23.48
C LEU C 154 8.88 23.99 24.09
N ALA C 155 8.80 24.05 25.42
CA ALA C 155 8.58 25.33 26.09
C ALA C 155 9.81 26.22 26.01
N ALA C 156 10.97 25.69 26.41
CA ALA C 156 12.24 26.41 26.32
C ALA C 156 12.39 27.06 24.95
N LEU C 157 12.12 26.25 23.93
CA LEU C 157 12.15 26.66 22.53
C LEU C 157 11.28 27.89 22.27
N ALA C 158 10.02 27.80 22.70
CA ALA C 158 9.05 28.86 22.50
C ALA C 158 9.41 30.13 23.28
N VAL C 159 10.16 29.95 24.36
CA VAL C 159 10.69 31.06 25.16
C VAL C 159 11.83 31.77 24.42
N ASP C 160 12.63 31.01 23.68
CA ASP C 160 13.76 31.57 22.94
C ASP C 160 13.26 32.40 21.79
N CYS C 161 12.21 31.90 21.15
CA CYS C 161 11.57 32.59 20.03
C CYS C 161 10.98 33.91 20.50
N ALA C 162 10.44 33.92 21.71
CA ALA C 162 9.93 35.14 22.33
C ALA C 162 11.06 36.17 22.52
N LYS C 163 12.20 35.69 23.02
CA LYS C 163 13.39 36.52 23.19
C LYS C 163 13.81 37.11 21.85
N ASP C 164 13.98 36.25 20.84
CA ASP C 164 14.31 36.69 19.47
C ASP C 164 13.36 37.80 19.00
N GLN C 165 12.13 37.77 19.50
CA GLN C 165 11.09 38.68 19.04
C GLN C 165 10.84 39.81 20.03
N ASN C 166 11.67 39.89 21.07
CA ASN C 166 11.63 40.97 22.07
C ASN C 166 10.31 41.01 22.84
N LYS C 167 9.83 39.84 23.21
CA LYS C 167 8.52 39.70 23.84
C LYS C 167 8.57 39.08 25.24
N ARG C 168 7.97 39.77 26.20
CA ARG C 168 7.78 39.25 27.56
C ARG C 168 6.73 38.14 27.53
N VAL C 169 6.95 37.10 28.31
CA VAL C 169 6.11 35.91 28.24
C VAL C 169 5.49 35.50 29.57
N ALA C 170 4.22 35.11 29.51
CA ALA C 170 3.54 34.48 30.64
C ALA C 170 3.24 33.04 30.27
N VAL C 171 3.75 32.09 31.06
CA VAL C 171 3.50 30.68 30.79
C VAL C 171 2.32 30.15 31.60
N VAL C 172 1.38 29.50 30.92
CA VAL C 172 0.29 28.80 31.58
C VAL C 172 0.26 27.35 31.14
N GLY C 173 0.26 26.45 32.12
CA GLY C 173 0.07 25.02 31.89
C GLY C 173 -1.31 24.64 32.38
N VAL C 174 -2.13 24.14 31.47
CA VAL C 174 -3.53 23.86 31.75
C VAL C 174 -3.72 22.37 31.79
N GLY C 175 -4.15 21.86 32.94
CA GLY C 175 -4.36 20.44 33.14
C GLY C 175 -4.66 20.17 34.60
N GLY C 176 -5.03 18.94 34.91
CA GLY C 176 -5.41 18.58 36.28
C GLY C 176 -4.29 17.91 37.05
N LEU C 177 -4.62 17.50 38.27
CA LEU C 177 -3.72 16.72 39.10
C LEU C 177 -4.24 15.28 39.12
N SER C 178 -4.69 14.84 40.30
CA SER C 178 -5.30 13.53 40.48
C SER C 178 -6.28 13.21 39.35
N GLY C 179 -6.12 12.03 38.74
CA GLY C 179 -6.93 11.66 37.57
C GLY C 179 -8.06 10.67 37.80
N SER C 180 -8.34 10.37 39.07
CA SER C 180 -9.37 9.39 39.41
C SER C 180 -10.77 9.98 39.30
N LEU C 181 -11.26 10.14 38.07
CA LEU C 181 -12.61 10.64 37.83
C LEU C 181 -13.69 9.63 38.27
N PHE C 182 -14.80 10.14 38.80
CA PHE C 182 -15.93 9.30 39.18
C PHE C 182 -16.60 8.67 37.95
N ARG C 183 -17.04 7.43 38.12
CA ARG C 183 -17.59 6.62 37.02
C ARG C 183 -19.11 6.69 37.01
N GLU C 184 -19.68 7.31 38.04
CA GLU C 184 -21.14 7.49 38.12
C GLU C 184 -21.49 8.96 38.34
N GLU C 185 -22.73 9.32 38.03
CA GLU C 185 -23.22 10.66 38.26
C GLU C 185 -23.32 10.92 39.76
N ILE C 186 -22.81 12.06 40.18
CA ILE C 186 -22.82 12.45 41.59
C ILE C 186 -23.57 13.76 41.76
N ASP C 187 -23.92 14.09 43.01
CA ASP C 187 -24.44 15.41 43.30
C ASP C 187 -23.26 16.38 43.32
N PRO C 188 -23.29 17.40 42.43
CA PRO C 188 -22.15 18.33 42.29
C PRO C 188 -21.62 18.87 43.62
N ARG C 189 -22.50 19.19 44.58
CA ARG C 189 -22.08 19.76 45.85
C ARG C 189 -21.39 18.80 46.81
N GLU C 190 -21.40 17.51 46.51
CA GLU C 190 -20.66 16.54 47.31
C GLU C 190 -19.48 15.91 46.57
N ASP C 191 -19.08 16.57 45.49
CA ASP C 191 -17.86 16.22 44.78
C ASP C 191 -16.65 16.49 45.67
N ARG C 192 -15.78 15.50 45.77
CA ARG C 192 -14.55 15.58 46.55
C ARG C 192 -13.49 14.74 45.84
N ILE C 193 -12.24 14.91 46.22
CA ILE C 193 -11.15 14.08 45.68
C ILE C 193 -11.46 12.62 45.98
N ALA C 194 -11.45 11.79 44.94
CA ALA C 194 -11.93 10.40 45.01
C ALA C 194 -11.17 9.51 46.00
N ASN C 195 -9.86 9.72 46.11
CA ASN C 195 -9.02 8.99 47.05
C ASN C 195 -8.40 9.90 48.09
N GLU C 196 -8.15 9.34 49.27
CA GLU C 196 -7.30 9.98 50.27
C GLU C 196 -5.85 9.89 49.81
N GLU C 197 -5.56 8.85 49.02
CA GLU C 197 -4.22 8.60 48.48
C GLU C 197 -3.86 9.63 47.41
N ASP C 198 -4.82 9.92 46.53
CA ASP C 198 -4.68 10.95 45.51
C ASP C 198 -4.54 12.34 46.14
N ASP C 199 -5.28 12.57 47.22
CA ASP C 199 -5.26 13.83 47.95
C ASP C 199 -3.91 14.09 48.64
N LYS C 200 -3.39 13.08 49.34
CA LYS C 200 -2.05 13.14 49.93
C LYS C 200 -1.04 13.49 48.85
N TRP C 201 -1.06 12.71 47.76
CA TRP C 201 -0.16 12.91 46.63
C TRP C 201 -0.28 14.32 46.07
N ASN C 202 -1.51 14.82 45.98
CA ASN C 202 -1.77 16.17 45.50
C ASN C 202 -1.13 17.20 46.41
N ARG C 203 -1.36 17.06 47.71
CA ARG C 203 -0.84 18.00 48.70
C ARG C 203 0.66 17.87 48.88
N ARG C 204 1.19 16.67 48.64
CA ARG C 204 2.63 16.45 48.74
C ARG C 204 3.39 17.20 47.64
N VAL C 205 2.96 17.04 46.40
CA VAL C 205 3.65 17.66 45.27
C VAL C 205 3.42 19.18 45.23
N LEU C 206 2.22 19.59 45.65
CA LEU C 206 1.86 21.00 45.71
C LEU C 206 2.77 21.73 46.70
N LYS C 207 3.06 21.08 47.83
CA LYS C 207 3.98 21.59 48.85
C LYS C 207 5.38 21.75 48.30
N LEU C 208 5.77 20.79 47.46
CA LEU C 208 7.08 20.80 46.80
C LEU C 208 7.16 21.91 45.76
N ILE C 209 6.03 22.20 45.11
CA ILE C 209 5.93 23.30 44.16
C ILE C 209 6.00 24.66 44.89
N GLU C 210 5.33 24.76 46.04
CA GLU C 210 5.36 25.97 46.87
C GLU C 210 6.77 26.35 47.29
N ALA C 211 7.53 25.35 47.73
CA ALA C 211 8.87 25.56 48.28
C ALA C 211 9.92 25.92 47.22
N GLY C 212 9.63 25.56 45.97
CA GLY C 212 10.58 25.78 44.86
C GLY C 212 11.58 24.64 44.78
N ASP C 213 11.22 23.52 45.39
CA ASP C 213 12.03 22.32 45.48
C ASP C 213 12.08 21.59 44.14
N VAL C 214 12.67 22.25 43.15
CA VAL C 214 12.75 21.76 41.77
C VAL C 214 13.38 20.38 41.68
N SER C 215 14.47 20.19 42.41
CA SER C 215 15.22 18.93 42.42
C SER C 215 14.39 17.76 42.95
N ALA C 216 13.70 17.99 44.08
CA ALA C 216 12.84 16.97 44.68
C ALA C 216 11.52 16.81 43.92
N LEU C 217 11.10 17.88 43.25
CA LEU C 217 9.93 17.84 42.37
C LEU C 217 10.15 16.87 41.22
N ARG C 218 11.29 17.00 40.55
CA ARG C 218 11.70 16.15 39.43
C ARG C 218 11.58 14.65 39.71
N GLU C 219 12.06 14.21 40.87
CA GLU C 219 12.05 12.78 41.22
C GLU C 219 10.72 12.32 41.82
N ALA C 220 9.81 13.26 42.07
CA ALA C 220 8.47 12.93 42.57
C ALA C 220 7.47 12.78 41.42
N MET C 221 7.63 13.60 40.39
CA MET C 221 6.68 13.71 39.28
C MET C 221 6.28 12.38 38.59
N PRO C 222 7.26 11.51 38.26
CA PRO C 222 6.89 10.27 37.55
C PRO C 222 6.22 9.21 38.42
N VAL C 223 6.58 9.16 39.70
CA VAL C 223 5.93 8.25 40.64
C VAL C 223 4.52 8.75 40.93
N TYR C 224 4.40 10.08 41.05
CA TYR C 224 3.13 10.76 41.29
C TYR C 224 2.21 10.64 40.08
N ALA C 225 2.78 10.89 38.89
CA ALA C 225 2.03 10.82 37.63
C ALA C 225 1.30 9.50 37.46
N LYS C 226 1.95 8.41 37.87
CA LYS C 226 1.37 7.06 37.75
C LYS C 226 0.48 6.69 38.94
N GLU C 227 0.99 6.91 40.15
CA GLU C 227 0.26 6.51 41.36
C GLU C 227 -1.02 7.29 41.57
N ALA C 228 -1.01 8.56 41.19
CA ALA C 228 -2.18 9.42 41.35
C ALA C 228 -2.93 9.68 40.03
N ARG C 229 -2.64 8.88 39.01
CA ARG C 229 -3.28 8.97 37.70
C ARG C 229 -3.29 10.41 37.15
N VAL C 230 -2.20 11.13 37.38
CA VAL C 230 -2.11 12.56 37.07
C VAL C 230 -2.31 12.86 35.59
N ASP C 231 -3.29 13.73 35.32
CA ASP C 231 -3.62 14.23 33.98
C ASP C 231 -2.41 14.29 33.04
N MET C 232 -2.43 13.45 32.01
CA MET C 232 -1.40 13.38 30.96
C MET C 232 0.04 13.39 31.47
N GLY C 233 0.32 12.59 32.49
CA GLY C 233 1.67 12.44 33.04
C GLY C 233 2.28 13.71 33.62
N PHE C 234 1.45 14.69 33.94
CA PHE C 234 1.87 15.95 34.55
C PHE C 234 2.70 16.84 33.63
N LYS C 235 2.64 16.55 32.34
CA LYS C 235 3.44 17.26 31.34
C LYS C 235 3.15 18.76 31.28
N HIS C 236 1.98 19.17 31.75
CA HIS C 236 1.63 20.59 31.82
C HIS C 236 2.51 21.34 32.83
N LEU C 237 2.93 20.65 33.90
CA LEU C 237 3.97 21.16 34.78
C LEU C 237 5.36 21.16 34.11
N HIS C 238 5.69 20.05 33.45
CA HIS C 238 6.91 19.98 32.63
C HIS C 238 7.01 21.18 31.70
N TRP C 239 5.89 21.55 31.09
CA TRP C 239 5.80 22.76 30.26
C TRP C 239 6.27 24.00 31.01
N ILE C 240 5.76 24.20 32.23
CA ILE C 240 6.18 25.32 33.07
C ILE C 240 7.70 25.28 33.29
N LEU C 241 8.19 24.16 33.83
CA LEU C 241 9.62 23.96 34.09
C LEU C 241 10.48 24.28 32.88
N GLY C 242 10.05 23.77 31.73
CA GLY C 242 10.75 23.97 30.47
C GLY C 242 10.83 25.43 30.07
N ALA C 243 9.76 26.17 30.37
CA ALA C 243 9.70 27.60 30.04
C ALA C 243 10.61 28.42 30.93
N LEU C 244 10.66 28.04 32.21
CA LEU C 244 11.46 28.74 33.21
C LEU C 244 12.91 28.29 33.20
N LYS C 245 13.30 27.56 32.16
CA LYS C 245 14.65 27.02 31.97
C LYS C 245 15.08 26.01 33.04
N GLY C 246 14.15 25.64 33.91
CA GLY C 246 14.38 24.54 34.85
C GLY C 246 14.52 24.94 36.30
N LYS C 247 14.29 26.22 36.60
CA LYS C 247 14.37 26.72 37.98
C LYS C 247 13.31 27.76 38.29
N PHE C 248 12.75 27.67 39.49
CA PHE C 248 11.85 28.70 40.01
C PHE C 248 11.98 28.85 41.53
N SER C 249 11.80 30.07 42.00
CA SER C 249 11.94 30.41 43.42
C SER C 249 10.91 29.74 44.33
N GLY C 250 9.72 29.49 43.80
CA GLY C 250 8.65 28.90 44.59
C GLY C 250 7.29 29.09 43.95
N ALA C 251 6.23 28.87 44.74
CA ALA C 251 4.87 28.93 44.22
C ALA C 251 3.82 29.31 45.25
N ASN C 252 2.73 29.88 44.76
CA ASN C 252 1.62 30.32 45.58
C ASN C 252 0.38 29.55 45.14
N VAL C 253 -0.08 28.61 45.97
CA VAL C 253 -1.21 27.73 45.61
C VAL C 253 -2.55 28.44 45.82
N LEU C 254 -2.99 29.14 44.78
CA LEU C 254 -4.16 30.00 44.84
C LEU C 254 -5.45 29.23 45.08
N GLY C 255 -5.49 27.98 44.62
CA GLY C 255 -6.66 27.14 44.81
C GLY C 255 -6.40 25.67 44.60
N TYR C 256 -7.16 24.84 45.30
CA TYR C 256 -7.08 23.39 45.16
C TYR C 256 -8.41 22.76 45.50
N GLY C 257 -8.89 21.89 44.62
CA GLY C 257 -10.17 21.22 44.85
C GLY C 257 -10.50 20.10 43.89
N PRO C 258 -11.73 19.57 43.97
CA PRO C 258 -12.16 18.44 43.17
C PRO C 258 -12.77 18.84 41.83
N SER C 259 -12.77 17.89 40.89
CA SER C 259 -13.49 18.02 39.63
C SER C 259 -13.94 16.62 39.25
N TYR C 260 -15.15 16.27 39.69
CA TYR C 260 -15.70 14.92 39.54
C TYR C 260 -14.76 13.79 40.01
N GLY C 261 -14.11 14.00 41.15
CA GLY C 261 -13.20 12.99 41.70
C GLY C 261 -11.75 13.26 41.38
N SER C 262 -11.51 13.99 40.28
CA SER C 262 -10.15 14.37 39.92
C SER C 262 -9.70 15.57 40.76
N GLY C 263 -8.37 15.77 40.84
CA GLY C 263 -7.80 16.91 41.53
C GLY C 263 -7.48 18.04 40.58
N ALA C 264 -7.84 19.25 40.98
CA ALA C 264 -7.53 20.45 40.20
C ALA C 264 -6.91 21.50 41.10
N ALA C 265 -5.98 22.28 40.56
CA ALA C 265 -5.25 23.25 41.35
C ALA C 265 -4.82 24.47 40.55
N VAL C 266 -4.80 25.62 41.23
CA VAL C 266 -4.31 26.86 40.65
C VAL C 266 -3.00 27.25 41.33
N ILE C 267 -1.91 27.22 40.57
CA ILE C 267 -0.58 27.52 41.11
C ILE C 267 0.01 28.77 40.48
N GLU C 268 0.40 29.73 41.32
CA GLU C 268 1.08 30.94 40.87
C GLU C 268 2.55 30.85 41.25
N PHE C 269 3.39 30.64 40.25
CA PHE C 269 4.82 30.48 40.45
C PHE C 269 5.51 31.81 40.76
N ARG C 270 6.31 31.81 41.82
CA ARG C 270 7.22 32.91 42.08
C ARG C 270 8.53 32.56 41.42
N LEU C 271 8.93 33.38 40.44
CA LEU C 271 10.05 33.07 39.56
C LEU C 271 11.42 33.14 40.24
N MET D 1 -45.59 -5.56 15.45
CA MET D 1 -44.26 -5.15 14.90
C MET D 1 -43.11 -5.85 15.61
N GLN D 2 -42.02 -6.06 14.87
CA GLN D 2 -40.86 -6.75 15.38
C GLN D 2 -39.59 -5.88 15.31
N GLY D 3 -38.74 -6.00 16.32
CA GLY D 3 -37.42 -5.40 16.27
C GLY D 3 -36.49 -6.21 15.36
N GLU D 4 -35.53 -5.53 14.75
CA GLU D 4 -34.57 -6.20 13.88
C GLU D 4 -33.19 -5.54 13.90
N ILE D 5 -32.16 -6.34 14.17
CA ILE D 5 -30.78 -5.95 13.89
C ILE D 5 -30.44 -6.53 12.52
N ILE D 6 -30.63 -5.70 11.48
CA ILE D 6 -30.46 -6.15 10.10
C ILE D 6 -29.05 -6.66 9.85
N ALA D 7 -28.06 -5.86 10.27
CA ALA D 7 -26.65 -6.18 10.07
C ALA D 7 -25.74 -5.35 10.95
N GLY D 8 -24.58 -5.93 11.26
CA GLY D 8 -23.46 -5.18 11.80
C GLY D 8 -22.40 -4.89 10.75
N PHE D 9 -21.95 -3.64 10.69
CA PHE D 9 -20.81 -3.26 9.87
C PHE D 9 -19.61 -2.88 10.71
N LEU D 10 -18.44 -3.37 10.32
CA LEU D 10 -17.20 -2.79 10.79
C LEU D 10 -16.86 -1.62 9.86
N ALA D 11 -17.17 -0.42 10.32
CA ALA D 11 -17.10 0.77 9.51
C ALA D 11 -16.13 1.80 10.11
N PRO D 12 -14.83 1.66 9.80
CA PRO D 12 -13.79 2.57 10.32
C PRO D 12 -14.02 4.01 9.88
N HIS D 13 -13.37 4.95 10.55
CA HIS D 13 -13.62 6.39 10.35
C HIS D 13 -12.40 7.21 9.89
N PRO D 14 -11.57 6.64 8.99
CA PRO D 14 -10.42 7.43 8.56
C PRO D 14 -10.86 8.58 7.64
N PRO D 15 -10.62 9.83 8.08
CA PRO D 15 -11.16 11.01 7.39
C PRO D 15 -10.62 11.18 5.97
N HIS D 16 -9.51 10.52 5.69
CA HIS D 16 -8.89 10.60 4.37
C HIS D 16 -9.77 10.01 3.27
N LEU D 17 -10.57 9.02 3.64
CA LEU D 17 -11.53 8.40 2.72
C LEU D 17 -12.57 9.39 2.22
N VAL D 18 -13.02 10.28 3.08
CA VAL D 18 -13.96 11.31 2.65
C VAL D 18 -13.24 12.44 1.92
N TYR D 19 -12.00 12.71 2.32
CA TYR D 19 -11.15 13.70 1.66
C TYR D 19 -10.95 13.34 0.19
N GLY D 20 -10.64 12.06 -0.06
CA GLY D 20 -10.42 11.53 -1.40
C GLY D 20 -11.66 11.53 -2.27
N GLU D 21 -12.82 11.44 -1.62
CA GLU D 21 -14.10 11.42 -2.33
C GLU D 21 -14.52 12.81 -2.80
N ASN D 22 -13.96 13.84 -2.17
CA ASN D 22 -14.29 15.25 -2.48
C ASN D 22 -15.78 15.56 -2.45
N PRO D 23 -16.45 15.28 -1.33
CA PRO D 23 -17.86 15.66 -1.18
C PRO D 23 -17.97 17.17 -0.95
N PRO D 24 -19.06 17.79 -1.45
CA PRO D 24 -19.19 19.26 -1.32
C PRO D 24 -19.18 19.76 0.12
N GLN D 25 -19.59 18.90 1.06
CA GLN D 25 -19.60 19.21 2.49
C GLN D 25 -18.20 19.32 3.08
N ASN D 26 -17.24 18.68 2.43
CA ASN D 26 -15.88 18.73 2.91
C ASN D 26 -15.14 19.86 2.24
N GLU D 27 -14.64 20.78 3.07
CA GLU D 27 -13.99 21.98 2.57
C GLU D 27 -12.69 21.74 1.76
N PRO D 28 -11.73 20.98 2.32
CA PRO D 28 -10.48 20.78 1.57
C PRO D 28 -10.68 19.87 0.36
N ARG D 29 -9.94 20.14 -0.71
CA ARG D 29 -10.07 19.41 -1.97
C ARG D 29 -8.88 18.47 -2.16
N SER D 30 -9.15 17.28 -2.70
CA SER D 30 -8.10 16.29 -2.90
C SER D 30 -7.96 15.90 -4.37
N GLN D 31 -6.86 15.24 -4.69
CA GLN D 31 -6.63 14.70 -6.03
C GLN D 31 -7.21 13.29 -6.14
N GLY D 32 -7.96 12.89 -5.11
CA GLY D 32 -8.39 11.50 -4.94
C GLY D 32 -7.62 10.86 -3.80
N GLY D 33 -7.51 9.54 -3.82
CA GLY D 33 -6.74 8.84 -2.82
C GLY D 33 -7.54 7.75 -2.15
N TRP D 34 -6.82 6.82 -1.51
CA TRP D 34 -7.40 5.70 -0.75
C TRP D 34 -8.56 5.03 -1.48
N GLU D 35 -8.33 4.70 -2.75
CA GLU D 35 -9.38 4.24 -3.64
C GLU D 35 -9.85 2.85 -3.25
N VAL D 36 -8.91 1.97 -2.90
CA VAL D 36 -9.24 0.62 -2.44
C VAL D 36 -10.28 0.67 -1.32
N LEU D 37 -9.97 1.42 -0.27
CA LEU D 37 -10.88 1.54 0.87
C LEU D 37 -12.19 2.22 0.50
N ARG D 38 -12.10 3.25 -0.33
CA ARG D 38 -13.27 3.95 -0.85
C ARG D 38 -14.18 3.04 -1.70
N TRP D 39 -13.60 2.04 -2.36
CA TRP D 39 -14.37 1.06 -3.14
C TRP D 39 -15.04 0.05 -2.23
N ALA D 40 -14.37 -0.26 -1.13
CA ALA D 40 -14.91 -1.13 -0.09
C ALA D 40 -16.17 -0.50 0.49
N TYR D 41 -16.13 0.81 0.69
CA TYR D 41 -17.27 1.52 1.25
C TYR D 41 -18.43 1.63 0.25
N GLU D 42 -18.11 1.81 -1.03
CA GLU D 42 -19.10 1.74 -2.09
C GLU D 42 -19.91 0.45 -2.03
N ARG D 43 -19.20 -0.67 -1.87
CA ARG D 43 -19.81 -1.98 -1.71
C ARG D 43 -20.67 -2.03 -0.44
N ALA D 44 -20.16 -1.43 0.64
CA ALA D 44 -20.92 -1.35 1.90
C ALA D 44 -22.13 -0.44 1.76
N ARG D 45 -21.93 0.67 1.02
CA ARG D 45 -22.95 1.71 0.81
C ARG D 45 -24.23 1.17 0.18
N GLU D 46 -24.10 0.37 -0.87
CA GLU D 46 -25.28 -0.15 -1.54
C GLU D 46 -25.83 -1.38 -0.83
N ARG D 47 -24.97 -2.05 -0.06
CA ARG D 47 -25.43 -3.14 0.79
C ARG D 47 -26.37 -2.60 1.87
N LEU D 48 -26.06 -1.41 2.38
CA LEU D 48 -26.91 -0.74 3.36
C LEU D 48 -28.16 -0.16 2.69
N ASP D 49 -27.98 0.49 1.54
CA ASP D 49 -29.09 1.10 0.81
C ASP D 49 -30.21 0.09 0.60
N ALA D 50 -29.83 -1.13 0.20
CA ALA D 50 -30.76 -2.23 0.00
C ALA D 50 -31.43 -2.71 1.29
N MET D 51 -30.82 -2.43 2.44
CA MET D 51 -31.36 -2.83 3.75
C MET D 51 -32.59 -2.01 4.14
N LYS D 52 -32.64 -0.77 3.67
CA LYS D 52 -33.69 0.17 4.04
C LYS D 52 -33.96 0.14 5.55
N PRO D 53 -33.01 0.64 6.36
CA PRO D 53 -33.15 0.58 7.81
C PRO D 53 -33.87 1.79 8.40
N ASP D 54 -34.41 1.61 9.61
CA ASP D 54 -35.05 2.68 10.35
C ASP D 54 -34.03 3.64 10.91
N VAL D 55 -32.90 3.08 11.35
CA VAL D 55 -31.92 3.81 12.14
C VAL D 55 -30.53 3.17 12.07
N LEU D 56 -29.50 4.01 12.13
CA LEU D 56 -28.12 3.54 12.19
C LEU D 56 -27.56 3.84 13.58
N LEU D 57 -27.09 2.82 14.26
CA LEU D 57 -26.43 3.01 15.56
C LEU D 57 -24.92 3.00 15.38
N VAL D 58 -24.24 4.00 15.94
CA VAL D 58 -22.77 4.08 15.83
C VAL D 58 -22.09 4.34 17.17
N HIS D 59 -21.01 3.59 17.40
CA HIS D 59 -20.21 3.70 18.60
C HIS D 59 -18.84 4.25 18.17
N SER D 60 -18.48 5.43 18.65
CA SER D 60 -17.28 6.12 18.16
C SER D 60 -16.19 6.33 19.22
N PRO D 61 -14.96 5.87 18.92
CA PRO D 61 -13.79 6.06 19.79
C PRO D 61 -13.42 7.52 20.03
N HIS D 62 -14.01 8.42 19.25
CA HIS D 62 -13.66 9.84 19.37
C HIS D 62 -14.75 10.67 20.06
N TRP D 63 -15.64 9.98 20.74
CA TRP D 63 -16.44 10.56 21.80
C TRP D 63 -16.15 9.77 23.08
N ILE D 64 -15.14 10.23 23.81
CA ILE D 64 -14.65 9.56 25.00
C ILE D 64 -15.33 10.14 26.24
N THR D 65 -16.06 9.29 26.96
CA THR D 65 -16.72 9.71 28.19
C THR D 65 -16.23 8.92 29.39
N SER D 66 -16.17 9.59 30.54
CA SER D 66 -15.72 8.98 31.78
C SER D 66 -16.88 8.43 32.61
N VAL D 67 -17.98 9.18 32.64
CA VAL D 67 -19.16 8.79 33.41
C VAL D 67 -20.09 7.97 32.52
N GLY D 68 -19.79 6.67 32.46
CA GLY D 68 -20.60 5.73 31.68
C GLY D 68 -20.65 5.96 30.18
N HIS D 69 -21.79 5.57 29.60
CA HIS D 69 -21.98 5.51 28.17
C HIS D 69 -23.06 6.50 27.78
N HIS D 70 -22.70 7.47 26.94
CA HIS D 70 -23.59 8.57 26.59
C HIS D 70 -24.29 8.32 25.25
N PHE D 71 -25.48 8.89 25.10
CA PHE D 71 -26.28 8.73 23.89
C PHE D 71 -26.77 10.08 23.38
N LEU D 72 -26.55 10.35 22.10
CA LEU D 72 -27.13 11.53 21.44
C LEU D 72 -28.62 11.59 21.73
N GLY D 73 -29.07 12.67 22.34
CA GLY D 73 -30.47 12.78 22.75
C GLY D 73 -31.16 14.05 22.32
N VAL D 74 -30.70 14.62 21.21
CA VAL D 74 -31.25 15.85 20.66
C VAL D 74 -31.66 15.58 19.21
N PRO D 75 -32.94 15.84 18.86
CA PRO D 75 -33.49 15.47 17.54
C PRO D 75 -32.61 15.87 16.37
N GLU D 76 -32.12 17.10 16.38
CA GLU D 76 -31.27 17.62 15.31
C GLU D 76 -29.96 18.12 15.87
N LEU D 77 -28.88 17.74 15.21
CA LEU D 77 -27.52 18.22 15.52
C LEU D 77 -26.80 18.53 14.22
N SER D 78 -26.00 19.60 14.25
CA SER D 78 -25.31 20.03 13.05
C SER D 78 -24.01 20.73 13.43
N GLY D 79 -23.27 21.20 12.42
CA GLY D 79 -22.03 21.91 12.64
C GLY D 79 -20.95 21.54 11.64
N LYS D 80 -19.79 22.13 11.83
CA LYS D 80 -18.64 21.84 11.02
C LYS D 80 -17.70 20.99 11.85
N SER D 81 -17.54 19.74 11.43
CA SER D 81 -16.61 18.86 12.13
C SER D 81 -15.26 18.98 11.48
N VAL D 82 -14.28 19.39 12.28
CA VAL D 82 -12.91 19.44 11.82
C VAL D 82 -12.10 18.37 12.55
N ASP D 83 -11.39 17.55 11.78
CA ASP D 83 -10.49 16.58 12.38
C ASP D 83 -9.36 17.33 13.06
N PRO D 84 -9.08 16.99 14.34
CA PRO D 84 -8.06 17.68 15.13
C PRO D 84 -6.64 17.34 14.69
N ILE D 85 -6.45 16.15 14.12
CA ILE D 85 -5.12 15.72 13.71
C ILE D 85 -4.88 15.99 12.24
N PHE D 86 -5.93 15.84 11.44
CA PHE D 86 -5.83 16.09 9.99
C PHE D 86 -6.84 17.16 9.56
N PRO D 87 -6.71 18.39 10.07
CA PRO D 87 -7.67 19.42 9.68
C PRO D 87 -7.53 19.84 8.22
N ASN D 88 -6.41 19.48 7.61
CA ASN D 88 -6.15 19.73 6.19
C ASN D 88 -6.87 18.74 5.27
N VAL D 89 -7.51 17.72 5.85
CA VAL D 89 -8.20 16.71 5.04
C VAL D 89 -9.70 16.62 5.34
N PHE D 90 -10.11 17.08 6.52
CA PHE D 90 -11.48 16.90 6.99
C PHE D 90 -12.00 18.14 7.70
N ARG D 91 -12.83 18.90 6.99
CA ARG D 91 -13.50 20.09 7.51
C ARG D 91 -14.92 19.99 6.99
N TYR D 92 -15.73 19.20 7.69
CA TYR D 92 -16.98 18.67 7.13
C TYR D 92 -18.24 19.30 7.73
N ASP D 93 -19.00 20.00 6.90
CA ASP D 93 -20.31 20.50 7.30
C ASP D 93 -21.31 19.36 7.33
N PHE D 94 -21.94 19.16 8.49
CA PHE D 94 -22.90 18.08 8.62
C PHE D 94 -24.22 18.56 9.21
N SER D 95 -25.26 17.77 8.98
CA SER D 95 -26.56 17.97 9.56
C SER D 95 -27.21 16.59 9.69
N LEU D 96 -27.58 16.19 10.90
CA LEU D 96 -28.16 14.88 11.09
C LEU D 96 -29.39 14.84 11.99
N ASN D 97 -30.08 13.70 11.97
CA ASN D 97 -31.22 13.46 12.81
C ASN D 97 -30.93 12.34 13.79
N VAL D 98 -31.28 12.54 15.05
CA VAL D 98 -31.10 11.52 16.06
C VAL D 98 -32.41 10.80 16.34
N ASP D 99 -32.37 9.48 16.40
CA ASP D 99 -33.51 8.70 16.85
C ASP D 99 -33.53 8.74 18.38
N VAL D 100 -33.92 9.90 18.91
CA VAL D 100 -33.95 10.16 20.35
C VAL D 100 -34.65 9.03 21.13
N GLU D 101 -35.81 8.60 20.63
CA GLU D 101 -36.58 7.53 21.26
C GLU D 101 -35.76 6.26 21.48
N LEU D 102 -35.04 5.84 20.43
CA LEU D 102 -34.23 4.63 20.51
C LEU D 102 -33.03 4.82 21.42
N ALA D 103 -32.42 6.00 21.33
CA ALA D 103 -31.28 6.33 22.17
C ALA D 103 -31.66 6.23 23.63
N GLU D 104 -32.84 6.73 23.98
CA GLU D 104 -33.32 6.72 25.36
C GLU D 104 -33.63 5.31 25.83
N ALA D 105 -34.24 4.53 24.95
CA ALA D 105 -34.49 3.12 25.20
C ALA D 105 -33.16 2.39 25.46
N CYS D 106 -32.14 2.71 24.67
CA CYS D 106 -30.79 2.16 24.83
C CYS D 106 -30.21 2.54 26.19
N ALA D 107 -30.33 3.81 26.53
CA ALA D 107 -29.86 4.33 27.82
C ALA D 107 -30.57 3.67 28.99
N GLU D 108 -31.90 3.51 28.88
CA GLU D 108 -32.69 2.85 29.92
C GLU D 108 -32.31 1.38 30.08
N GLU D 109 -32.19 0.67 28.97
CA GLU D 109 -31.77 -0.73 29.03
C GLU D 109 -30.37 -0.81 29.62
N GLY D 110 -29.52 0.14 29.24
CA GLY D 110 -28.18 0.27 29.81
C GLY D 110 -28.23 0.40 31.32
N ARG D 111 -29.05 1.33 31.81
CA ARG D 111 -29.28 1.50 33.25
C ARG D 111 -29.86 0.27 33.92
N LYS D 112 -30.88 -0.33 33.33
CA LYS D 112 -31.50 -1.55 33.86
C LYS D 112 -30.51 -2.71 33.96
N ALA D 113 -29.42 -2.63 33.21
CA ALA D 113 -28.46 -3.71 33.10
C ALA D 113 -27.18 -3.51 33.94
N GLY D 114 -27.13 -2.41 34.70
CA GLY D 114 -26.03 -2.14 35.63
C GLY D 114 -25.01 -1.12 35.17
N LEU D 115 -25.23 -0.54 34.00
CA LEU D 115 -24.34 0.49 33.45
C LEU D 115 -24.85 1.87 33.79
N VAL D 116 -23.91 2.79 33.99
CA VAL D 116 -24.28 4.19 34.11
C VAL D 116 -24.37 4.78 32.71
N THR D 117 -25.58 5.23 32.36
CA THR D 117 -25.83 5.76 31.03
C THR D 117 -26.29 7.21 31.14
N LYS D 118 -26.19 7.94 30.04
CA LYS D 118 -26.34 9.40 30.04
C LYS D 118 -26.93 9.90 28.72
N MET D 119 -27.96 10.73 28.80
CA MET D 119 -28.54 11.31 27.59
C MET D 119 -27.87 12.65 27.27
N MET D 120 -27.34 12.77 26.05
CA MET D 120 -26.74 14.01 25.60
C MET D 120 -27.84 14.97 25.14
N ARG D 121 -28.14 15.96 25.98
CA ARG D 121 -29.30 16.81 25.74
C ARG D 121 -28.95 18.24 25.27
N ASN D 122 -27.66 18.55 25.17
CA ASN D 122 -27.19 19.87 24.79
C ASN D 122 -27.19 20.04 23.27
N PRO D 123 -28.06 20.92 22.73
CA PRO D 123 -28.23 21.04 21.28
C PRO D 123 -27.03 21.63 20.51
N LYS D 124 -26.16 22.36 21.19
CA LYS D 124 -24.97 22.91 20.54
C LYS D 124 -23.78 21.94 20.50
N PHE D 125 -23.98 20.75 21.06
CA PHE D 125 -22.98 19.68 21.04
C PHE D 125 -22.56 19.38 19.61
N ARG D 126 -21.24 19.34 19.39
CA ARG D 126 -20.66 18.99 18.10
C ARG D 126 -20.40 17.49 18.04
N VAL D 127 -21.13 16.79 17.17
CA VAL D 127 -20.94 15.36 16.99
C VAL D 127 -19.52 15.12 16.50
N ASP D 128 -18.85 14.15 17.10
CA ASP D 128 -17.43 13.91 16.86
C ASP D 128 -17.11 13.55 15.41
N TYR D 129 -15.90 13.90 14.98
CA TYR D 129 -15.38 13.61 13.65
C TYR D 129 -15.40 12.13 13.30
N GLY D 130 -15.23 11.28 14.32
CA GLY D 130 -15.27 9.83 14.14
C GLY D 130 -16.63 9.34 13.69
N THR D 131 -17.68 9.78 14.39
CA THR D 131 -19.06 9.47 14.02
C THR D 131 -19.44 10.05 12.66
N ILE D 132 -19.09 11.32 12.42
CA ILE D 132 -19.40 11.98 11.16
C ILE D 132 -18.77 11.26 9.96
N THR D 133 -17.51 10.85 10.11
CA THR D 133 -16.77 10.18 9.04
C THR D 133 -17.40 8.83 8.68
N THR D 134 -17.65 8.01 9.70
CA THR D 134 -18.28 6.70 9.53
C THR D 134 -19.65 6.80 8.85
N LEU D 135 -20.43 7.80 9.26
CA LEU D 135 -21.76 8.01 8.70
C LEU D 135 -21.72 8.41 7.23
N HIS D 136 -20.93 9.44 6.92
CA HIS D 136 -20.75 9.85 5.53
C HIS D 136 -20.28 8.69 4.66
N LEU D 137 -19.28 7.96 5.14
CA LEU D 137 -18.67 6.86 4.41
C LEU D 137 -19.65 5.78 3.98
N ILE D 138 -20.60 5.46 4.85
CA ILE D 138 -21.52 4.34 4.63
C ILE D 138 -22.90 4.84 4.17
N ARG D 139 -23.15 6.13 4.40
CA ARG D 139 -24.42 6.76 4.06
C ARG D 139 -24.27 8.27 3.81
N PRO D 140 -23.75 8.67 2.64
CA PRO D 140 -23.52 10.10 2.37
C PRO D 140 -24.79 10.95 2.21
N GLN D 141 -25.95 10.30 2.24
CA GLN D 141 -27.23 10.97 2.01
C GLN D 141 -27.75 11.68 3.26
N TRP D 142 -27.29 11.20 4.42
CA TRP D 142 -27.70 11.71 5.73
C TRP D 142 -29.22 11.66 5.95
N ASP D 143 -29.84 10.61 5.43
CA ASP D 143 -31.30 10.49 5.40
C ASP D 143 -31.82 9.36 6.31
N ILE D 144 -30.92 8.75 7.07
CA ILE D 144 -31.30 7.74 8.05
C ILE D 144 -31.06 8.33 9.44
N PRO D 145 -32.12 8.40 10.28
CA PRO D 145 -31.91 8.78 11.66
C PRO D 145 -30.81 7.97 12.34
N VAL D 146 -30.11 8.59 13.29
CA VAL D 146 -28.91 8.01 13.83
C VAL D 146 -28.93 7.96 15.36
N VAL D 147 -28.23 6.98 15.94
CA VAL D 147 -28.01 6.91 17.38
C VAL D 147 -26.51 6.83 17.68
N GLY D 148 -25.92 7.98 17.97
CA GLY D 148 -24.51 8.04 18.35
C GLY D 148 -24.33 7.66 19.80
N ILE D 149 -23.47 6.66 20.02
CA ILE D 149 -23.10 6.21 21.36
C ILE D 149 -21.64 6.58 21.63
N SER D 150 -21.35 7.03 22.85
CA SER D 150 -20.00 7.35 23.24
C SER D 150 -19.18 6.09 23.58
N ALA D 151 -17.87 6.23 23.57
CA ALA D 151 -16.98 5.14 23.93
C ALA D 151 -16.49 5.37 25.35
N ASN D 152 -17.08 4.63 26.28
CA ASN D 152 -16.74 4.77 27.69
C ASN D 152 -15.28 4.43 27.97
N ASN D 153 -14.71 5.18 28.90
CA ASN D 153 -13.31 5.08 29.30
C ASN D 153 -12.80 3.70 29.64
N SER D 154 -13.69 2.86 30.16
CA SER D 154 -13.32 1.64 30.89
C SER D 154 -12.14 0.82 30.34
N PRO D 155 -12.10 0.55 29.01
CA PRO D 155 -10.96 -0.24 28.51
C PRO D 155 -9.59 0.40 28.74
N TYR D 156 -9.53 1.73 28.80
CA TYR D 156 -8.27 2.43 28.99
C TYR D 156 -8.01 2.80 30.45
N TYR D 157 -9.06 3.22 31.15
CA TYR D 157 -8.94 3.66 32.53
C TYR D 157 -8.79 2.48 33.51
N LEU D 158 -9.65 1.47 33.36
CA LEU D 158 -9.54 0.24 34.14
C LEU D 158 -8.56 -0.72 33.45
N ASN D 159 -9.09 -1.50 32.50
CA ASN D 159 -8.29 -2.37 31.63
C ASN D 159 -9.16 -2.89 30.48
N THR D 160 -8.55 -3.69 29.60
CA THR D 160 -9.25 -4.26 28.46
C THR D 160 -10.44 -5.15 28.86
N LYS D 161 -10.23 -6.06 29.81
CA LYS D 161 -11.26 -7.04 30.18
C LYS D 161 -12.48 -6.40 30.83
N GLU D 162 -12.25 -5.55 31.83
CA GLU D 162 -13.33 -4.87 32.54
C GLU D 162 -14.06 -3.93 31.60
N GLY D 163 -13.29 -3.28 30.73
CA GLY D 163 -13.83 -2.38 29.73
C GLY D 163 -14.65 -3.09 28.68
N MET D 164 -14.21 -4.29 28.30
CA MET D 164 -14.86 -5.04 27.24
C MET D 164 -16.17 -5.69 27.69
N SER D 165 -16.25 -6.05 28.97
CA SER D 165 -17.48 -6.60 29.54
C SER D 165 -18.58 -5.54 29.59
N GLU D 166 -18.19 -4.31 29.86
CA GLU D 166 -19.11 -3.16 29.82
C GLU D 166 -19.65 -2.88 28.42
N MET D 167 -18.79 -3.06 27.42
CA MET D 167 -19.21 -2.97 26.02
C MET D 167 -20.15 -4.12 25.68
N ASP D 168 -19.92 -5.26 26.32
CA ASP D 168 -20.75 -6.43 26.13
C ASP D 168 -22.15 -6.17 26.66
N VAL D 169 -22.24 -5.70 27.92
CA VAL D 169 -23.51 -5.34 28.54
C VAL D 169 -24.23 -4.29 27.70
N LEU D 170 -23.52 -3.24 27.30
CA LEU D 170 -24.04 -2.17 26.43
C LEU D 170 -24.63 -2.72 25.14
N GLY D 171 -23.94 -3.68 24.55
CA GLY D 171 -24.41 -4.38 23.36
C GLY D 171 -25.72 -5.09 23.61
N LYS D 172 -25.76 -5.91 24.65
CA LYS D 172 -26.98 -6.62 25.05
C LYS D 172 -28.12 -5.64 25.25
N ALA D 173 -27.82 -4.55 25.95
CA ALA D 173 -28.78 -3.50 26.23
C ALA D 173 -29.28 -2.82 24.94
N THR D 174 -28.36 -2.58 24.01
CA THR D 174 -28.72 -1.99 22.71
C THR D 174 -29.70 -2.91 21.98
N ARG D 175 -29.38 -4.20 21.95
CA ARG D 175 -30.26 -5.21 21.36
C ARG D 175 -31.68 -5.15 21.94
N GLU D 176 -31.76 -5.19 23.27
CA GLU D 176 -33.03 -5.12 23.99
C GLU D 176 -33.81 -3.84 23.69
N ALA D 177 -33.09 -2.76 23.43
CA ALA D 177 -33.72 -1.48 23.10
C ALA D 177 -34.31 -1.53 21.70
N ILE D 178 -33.57 -2.14 20.77
CA ILE D 178 -34.04 -2.30 19.39
C ILE D 178 -35.34 -3.10 19.41
N ARG D 179 -35.35 -4.24 20.09
CA ARG D 179 -36.51 -5.12 20.08
C ARG D 179 -37.74 -4.53 20.76
N LYS D 180 -37.53 -3.71 21.78
CA LYS D 180 -38.65 -3.09 22.48
C LYS D 180 -39.27 -1.93 21.71
N THR D 181 -38.43 -1.16 21.04
CA THR D 181 -38.91 -0.07 20.18
C THR D 181 -39.40 -0.60 18.84
N GLY D 182 -38.88 -1.75 18.44
CA GLY D 182 -39.23 -2.36 17.16
C GLY D 182 -38.54 -1.72 15.97
N ARG D 183 -37.29 -1.33 16.15
CA ARG D 183 -36.53 -0.68 15.08
C ARG D 183 -35.94 -1.69 14.12
N LYS D 184 -35.85 -1.29 12.85
CA LYS D 184 -35.05 -2.01 11.85
C LYS D 184 -33.69 -1.32 11.83
N ALA D 185 -32.79 -1.79 12.68
CA ALA D 185 -31.56 -1.07 12.96
C ALA D 185 -30.34 -1.70 12.32
N VAL D 186 -29.41 -0.86 11.90
CA VAL D 186 -28.09 -1.32 11.45
C VAL D 186 -27.01 -0.83 12.41
N LEU D 187 -26.13 -1.75 12.83
CA LEU D 187 -25.06 -1.44 13.78
C LEU D 187 -23.75 -1.11 13.08
N LEU D 188 -23.13 -0.01 13.46
CA LEU D 188 -21.88 0.45 12.87
C LEU D 188 -20.77 0.57 13.91
N ALA D 189 -19.84 -0.38 13.90
CA ALA D 189 -18.69 -0.34 14.78
C ALA D 189 -17.61 0.49 14.13
N SER D 190 -17.46 1.74 14.57
CA SER D 190 -16.51 2.67 13.98
C SER D 190 -15.09 2.49 14.51
N ASN D 191 -14.52 1.31 14.27
CA ASN D 191 -13.21 0.94 14.77
C ASN D 191 -12.25 0.63 13.64
N THR D 192 -11.00 1.05 13.85
CA THR D 192 -9.89 0.69 12.99
C THR D 192 -9.29 -0.60 13.55
N LEU D 193 -8.66 -1.38 12.69
CA LEU D 193 -7.89 -2.55 13.13
C LEU D 193 -6.54 -2.08 13.71
N SER D 194 -5.42 -2.61 13.21
CA SER D 194 -4.10 -2.20 13.73
C SER D 194 -3.91 -0.68 13.61
N HIS D 195 -3.51 -0.05 14.70
CA HIS D 195 -3.43 1.41 14.73
C HIS D 195 -2.01 1.97 14.89
N TRP D 196 -1.01 1.15 14.60
CA TRP D 196 0.36 1.65 14.45
C TRP D 196 0.35 2.57 13.24
N HIS D 197 1.10 3.66 13.30
CA HIS D 197 1.01 4.69 12.26
C HIS D 197 2.30 5.44 11.97
N PHE D 198 2.30 6.15 10.84
CA PHE D 198 3.38 7.07 10.51
C PHE D 198 3.30 8.26 11.43
N HIS D 199 4.44 8.62 12.02
CA HIS D 199 4.52 9.78 12.91
C HIS D 199 4.70 11.06 12.09
N GLU D 200 5.04 10.88 10.82
CA GLU D 200 5.28 11.99 9.91
C GLU D 200 4.18 12.08 8.86
N GLU D 201 3.70 13.30 8.63
CA GLU D 201 2.71 13.60 7.58
C GLU D 201 3.39 13.68 6.20
N PRO D 202 2.71 13.20 5.13
CA PRO D 202 3.29 13.37 3.79
C PRO D 202 2.97 14.73 3.14
N THR D 203 3.90 15.25 2.35
CA THR D 203 3.79 16.57 1.73
C THR D 203 2.45 16.75 1.04
N ILE D 204 2.08 15.78 0.22
CA ILE D 204 0.73 15.69 -0.33
C ILE D 204 0.08 14.41 0.19
N PRO D 205 -0.99 14.55 0.99
CA PRO D 205 -1.62 13.41 1.68
C PRO D 205 -2.19 12.33 0.74
N GLU D 206 -2.68 12.74 -0.44
CA GLU D 206 -3.24 11.81 -1.44
C GLU D 206 -2.17 10.93 -2.09
N ASP D 207 -0.90 11.24 -1.84
CA ASP D 207 0.20 10.50 -2.44
C ASP D 207 0.17 9.05 -1.95
N MET D 208 -0.49 8.20 -2.72
CA MET D 208 -0.67 6.80 -2.33
C MET D 208 0.65 6.02 -2.34
N SER D 209 1.68 6.59 -2.93
CA SER D 209 3.02 5.99 -2.95
C SER D 209 3.67 6.05 -1.57
N LYS D 210 3.08 6.86 -0.69
CA LYS D 210 3.55 7.04 0.68
C LYS D 210 2.62 6.35 1.67
N GLU D 211 1.72 5.52 1.14
CA GLU D 211 0.69 4.87 1.96
C GLU D 211 0.85 3.35 1.96
N TYR D 212 1.05 2.77 3.13
CA TYR D 212 1.31 1.34 3.32
C TYR D 212 1.23 0.96 4.81
N PRO D 213 1.18 -0.35 5.13
CA PRO D 213 1.22 -0.76 6.54
C PRO D 213 2.42 -0.18 7.31
N ALA D 214 2.16 0.28 8.53
CA ALA D 214 3.21 0.84 9.38
C ALA D 214 4.17 -0.25 9.84
N THR D 215 3.62 -1.45 10.07
CA THR D 215 4.40 -2.58 10.54
C THR D 215 3.95 -3.83 9.82
N MET D 216 4.84 -4.82 9.77
CA MET D 216 4.51 -6.11 9.20
C MET D 216 3.59 -6.84 10.19
N ALA D 217 4.03 -6.88 11.45
CA ALA D 217 3.29 -7.58 12.50
C ALA D 217 1.86 -7.09 12.57
N GLY D 218 1.69 -5.77 12.56
CA GLY D 218 0.36 -5.15 12.60
C GLY D 218 -0.51 -5.62 11.45
N TYR D 219 0.03 -5.53 10.24
CA TYR D 219 -0.70 -5.97 9.06
C TYR D 219 -1.08 -7.46 9.14
N GLN D 220 -0.16 -8.29 9.63
CA GLN D 220 -0.42 -9.71 9.73
C GLN D 220 -1.53 -10.02 10.73
N TRP D 221 -1.57 -9.26 11.83
CA TRP D 221 -2.64 -9.37 12.82
C TRP D 221 -3.98 -9.06 12.17
N ASP D 222 -4.03 -7.94 11.45
CA ASP D 222 -5.23 -7.54 10.73
C ASP D 222 -5.77 -8.69 9.87
N ILE D 223 -4.91 -9.24 9.02
CA ILE D 223 -5.26 -10.34 8.14
C ILE D 223 -5.70 -11.59 8.90
N ARG D 224 -5.01 -11.91 9.99
CA ARG D 224 -5.36 -13.07 10.81
C ARG D 224 -6.76 -12.92 11.39
N MET D 225 -7.06 -11.69 11.84
CA MET D 225 -8.36 -11.35 12.41
C MET D 225 -9.47 -11.24 11.37
N ILE D 226 -9.14 -10.72 10.18
CA ILE D 226 -10.14 -10.53 9.12
C ILE D 226 -10.57 -11.88 8.55
N GLU D 227 -9.60 -12.69 8.14
CA GLU D 227 -9.91 -14.03 7.61
C GLU D 227 -10.66 -14.87 8.63
N LEU D 228 -10.34 -14.66 9.90
CA LEU D 228 -11.00 -15.34 11.02
C LEU D 228 -12.50 -15.00 11.09
N MET D 229 -12.82 -13.71 10.95
CA MET D 229 -14.21 -13.24 10.84
C MET D 229 -14.88 -13.77 9.56
N ARG D 230 -14.09 -13.88 8.49
CA ARG D 230 -14.58 -14.33 7.19
C ARG D 230 -14.94 -15.80 7.19
N GLN D 231 -14.21 -16.57 8.00
CA GLN D 231 -14.51 -17.98 8.23
C GLN D 231 -15.70 -18.12 9.17
N GLY D 232 -16.03 -17.05 9.88
CA GLY D 232 -17.15 -17.04 10.82
C GLY D 232 -16.79 -17.45 12.24
N LYS D 233 -15.49 -17.51 12.51
CA LYS D 233 -14.97 -17.97 13.81
C LYS D 233 -15.05 -16.89 14.87
N THR D 234 -16.26 -16.34 15.07
CA THR D 234 -16.48 -15.21 15.97
C THR D 234 -15.97 -15.49 17.38
N SER D 235 -16.19 -16.71 17.85
CA SER D 235 -15.65 -17.17 19.14
C SER D 235 -14.14 -17.00 19.22
N GLU D 236 -13.47 -17.36 18.13
CA GLU D 236 -12.00 -17.33 18.07
C GLU D 236 -11.42 -15.92 17.93
N VAL D 237 -12.13 -15.01 17.26
CA VAL D 237 -11.66 -13.62 17.13
C VAL D 237 -11.67 -12.91 18.49
N PHE D 238 -12.75 -13.10 19.25
CA PHE D 238 -12.86 -12.53 20.60
C PHE D 238 -11.95 -13.20 21.62
N LYS D 239 -11.59 -14.45 21.36
CA LYS D 239 -10.61 -15.18 22.16
C LYS D 239 -9.24 -14.56 21.97
N LEU D 240 -9.02 -13.99 20.79
CA LEU D 240 -7.76 -13.37 20.43
C LEU D 240 -7.75 -11.86 20.67
N LEU D 241 -8.94 -11.27 20.78
CA LEU D 241 -9.07 -9.81 20.84
C LEU D 241 -8.15 -9.12 21.86
N PRO D 242 -7.95 -9.73 23.05
CA PRO D 242 -7.01 -9.06 23.95
C PRO D 242 -5.58 -8.97 23.40
N GLN D 243 -5.05 -10.06 22.85
CA GLN D 243 -3.68 -10.05 22.31
C GLN D 243 -3.58 -9.20 21.04
N PHE D 244 -4.60 -9.30 20.19
CA PHE D 244 -4.74 -8.44 19.01
C PHE D 244 -4.60 -6.97 19.40
N ILE D 245 -5.28 -6.55 20.47
CA ILE D 245 -5.18 -5.19 20.98
C ILE D 245 -3.77 -4.85 21.48
N ASP D 246 -3.24 -5.68 22.38
CA ASP D 246 -1.91 -5.46 22.97
C ASP D 246 -0.79 -5.32 21.95
N GLU D 247 -0.84 -6.13 20.89
CA GLU D 247 0.27 -6.22 19.94
C GLU D 247 0.06 -5.43 18.64
N ALA D 248 -1.21 -5.30 18.22
CA ALA D 248 -1.53 -4.51 17.03
C ALA D 248 -1.95 -3.09 17.37
N PHE D 249 -2.09 -2.79 18.65
CA PHE D 249 -2.53 -1.47 19.11
C PHE D 249 -3.91 -1.20 18.47
N ALA D 250 -4.72 -2.26 18.43
CA ALA D 250 -5.99 -2.26 17.72
C ALA D 250 -6.99 -1.28 18.32
N GLU D 251 -7.70 -0.56 17.46
CA GLU D 251 -8.68 0.42 17.92
C GLU D 251 -9.99 -0.26 18.36
N VAL D 252 -10.03 -1.58 18.25
CA VAL D 252 -11.17 -2.35 18.78
C VAL D 252 -11.19 -2.30 20.31
N LYS D 253 -10.10 -1.80 20.89
CA LYS D 253 -10.03 -1.51 22.32
C LYS D 253 -11.10 -0.51 22.76
N SER D 254 -11.39 0.44 21.88
CA SER D 254 -12.39 1.47 22.15
C SER D 254 -13.75 0.87 22.46
N GLY D 255 -14.08 -0.24 21.80
CA GLY D 255 -15.21 -1.06 22.21
C GLY D 255 -16.34 -1.27 21.23
N ALA D 256 -16.35 -0.50 20.15
CA ALA D 256 -17.41 -0.58 19.16
C ALA D 256 -17.65 -2.02 18.70
N PHE D 257 -16.55 -2.74 18.51
CA PHE D 257 -16.59 -4.11 17.99
C PHE D 257 -17.25 -5.08 18.96
N THR D 258 -16.90 -5.01 20.24
CA THR D 258 -17.48 -5.87 21.26
C THR D 258 -18.95 -5.48 21.48
N TRP D 259 -19.24 -4.20 21.31
CA TRP D 259 -20.60 -3.69 21.45
C TRP D 259 -21.49 -4.25 20.37
N MET D 260 -21.04 -4.14 19.13
CA MET D 260 -21.77 -4.59 17.96
C MET D 260 -22.07 -6.08 18.07
N HIS D 261 -21.04 -6.87 18.38
CA HIS D 261 -21.17 -8.32 18.41
C HIS D 261 -22.00 -8.83 19.58
N ALA D 262 -21.91 -8.15 20.73
CA ALA D 262 -22.75 -8.46 21.87
C ALA D 262 -24.21 -8.22 21.50
N ALA D 263 -24.46 -7.11 20.79
CA ALA D 263 -25.80 -6.77 20.32
C ALA D 263 -26.27 -7.74 19.26
N MET D 264 -25.33 -8.40 18.59
CA MET D 264 -25.66 -9.42 17.59
C MET D 264 -25.61 -10.84 18.14
N GLN D 265 -25.43 -10.96 19.47
CA GLN D 265 -25.26 -12.25 20.15
C GLN D 265 -24.13 -13.08 19.56
N TYR D 266 -23.03 -12.41 19.22
CA TYR D 266 -21.80 -13.02 18.73
C TYR D 266 -22.06 -14.11 17.67
N PRO D 267 -22.73 -13.74 16.56
CA PRO D 267 -23.14 -14.76 15.62
C PRO D 267 -21.92 -15.45 15.01
N GLU D 268 -21.82 -16.76 15.22
CA GLU D 268 -20.77 -17.57 14.60
C GLU D 268 -21.05 -17.65 13.10
N LEU D 269 -20.94 -16.50 12.43
CA LEU D 269 -21.37 -16.33 11.05
C LEU D 269 -20.28 -15.67 10.19
N ALA D 270 -20.11 -16.19 8.97
CA ALA D 270 -19.13 -15.66 8.01
C ALA D 270 -19.38 -14.19 7.67
N ALA D 271 -18.36 -13.37 7.88
CA ALA D 271 -18.42 -11.95 7.59
C ALA D 271 -18.06 -11.69 6.14
N GLU D 272 -18.67 -10.67 5.55
CA GLU D 272 -18.36 -10.28 4.19
C GLU D 272 -17.35 -9.14 4.22
N LEU D 273 -16.17 -9.37 3.64
CA LEU D 273 -15.14 -8.34 3.54
C LEU D 273 -15.31 -7.56 2.24
N PHE D 274 -15.38 -6.24 2.35
CA PHE D 274 -15.49 -5.38 1.17
C PHE D 274 -14.13 -4.85 0.75
N GLY D 275 -13.18 -4.90 1.67
CA GLY D 275 -11.82 -4.52 1.37
C GLY D 275 -11.00 -4.18 2.60
N TYR D 276 -9.69 -4.34 2.48
CA TYR D 276 -8.77 -3.90 3.49
C TYR D 276 -7.81 -2.91 2.83
N GLY D 277 -7.41 -1.92 3.60
CA GLY D 277 -6.40 -0.95 3.18
C GLY D 277 -5.81 -0.25 4.38
N THR D 278 -4.74 0.50 4.15
CA THR D 278 -4.12 1.25 5.25
C THR D 278 -4.28 2.74 5.06
N VAL D 279 -4.48 3.44 6.17
CA VAL D 279 -4.47 4.91 6.17
C VAL D 279 -3.49 5.40 7.23
N ILE D 280 -2.37 5.96 6.79
CA ILE D 280 -1.27 6.37 7.67
C ILE D 280 -0.65 5.12 8.36
N GLY D 281 -0.68 3.98 7.65
CA GLY D 281 -0.10 2.73 8.17
C GLY D 281 -1.10 1.94 9.00
N THR D 282 -2.20 2.60 9.29
CA THR D 282 -3.29 2.09 10.10
C THR D 282 -4.12 1.07 9.31
N GLY D 283 -4.34 -0.12 9.88
CA GLY D 283 -5.14 -1.16 9.23
C GLY D 283 -6.65 -0.95 9.32
N ASN D 284 -7.34 -0.96 8.18
CA ASN D 284 -8.77 -0.74 8.15
C ASN D 284 -9.49 -1.71 7.22
N ALA D 285 -10.43 -2.46 7.79
CA ALA D 285 -11.29 -3.35 7.01
C ALA D 285 -12.73 -2.87 7.08
N VAL D 286 -13.41 -2.88 5.93
CA VAL D 286 -14.83 -2.58 5.88
C VAL D 286 -15.57 -3.90 5.75
N MET D 287 -16.25 -4.31 6.81
CA MET D 287 -16.78 -5.67 6.91
C MET D 287 -18.25 -5.69 7.29
N GLU D 288 -18.94 -6.78 6.95
CA GLU D 288 -20.35 -6.91 7.27
C GLU D 288 -20.76 -8.29 7.77
N TRP D 289 -21.57 -8.30 8.83
CA TRP D 289 -22.27 -9.49 9.24
C TRP D 289 -23.71 -9.27 8.84
N ASP D 290 -24.17 -10.03 7.84
CA ASP D 290 -25.53 -9.92 7.33
C ASP D 290 -26.45 -10.87 8.09
N LEU D 291 -27.11 -10.35 9.11
CA LEU D 291 -28.00 -11.14 9.95
C LEU D 291 -29.32 -11.49 9.26
N ARG D 292 -29.89 -10.54 8.53
CA ARG D 292 -31.14 -10.79 7.78
C ARG D 292 -30.98 -11.99 6.84
N LYS D 293 -29.92 -11.98 6.03
CA LYS D 293 -29.63 -13.09 5.12
C LYS D 293 -29.48 -14.42 5.87
N ALA D 294 -28.93 -14.36 7.08
CA ALA D 294 -28.60 -15.58 7.83
C ALA D 294 -29.75 -16.05 8.73
N GLY D 295 -30.86 -15.31 8.73
CA GLY D 295 -32.03 -15.66 9.53
C GLY D 295 -31.87 -15.39 11.02
N LEU D 296 -31.04 -14.41 11.37
CA LEU D 296 -30.73 -14.12 12.76
C LEU D 296 -31.10 -12.69 13.13
N SER D 297 -31.83 -12.01 12.25
CA SER D 297 -32.07 -10.59 12.41
C SER D 297 -33.25 -10.22 13.30
N MET D 298 -34.33 -10.99 13.21
CA MET D 298 -35.56 -10.71 13.95
C MET D 298 -35.37 -10.94 15.44
N LEU D 299 -35.92 -10.05 16.25
CA LEU D 299 -35.63 -10.03 17.69
C LEU D 299 -36.80 -10.44 18.57
N GLY D 300 -37.98 -10.60 17.96
CA GLY D 300 -39.20 -10.82 18.71
C GLY D 300 -40.11 -9.62 18.54
N ALA D 301 -41.31 -9.71 19.10
CA ALA D 301 -42.29 -8.63 19.01
C ALA D 301 -41.87 -7.43 19.87
N ALA D 302 -42.29 -6.24 19.44
CA ALA D 302 -42.01 -5.01 20.15
C ALA D 302 -42.97 -4.83 21.33
N ASP D 303 -42.79 -3.75 22.08
CA ASP D 303 -43.69 -3.39 23.18
C ASP D 303 -44.96 -2.70 22.65
N GLN D 304 -45.99 -2.66 23.50
CA GLN D 304 -47.26 -2.01 23.17
C GLN D 304 -47.02 -0.61 22.61
#